data_5WFQ
#
_entry.id   5WFQ
#
_cell.length_a   182.680
_cell.length_b   182.680
_cell.length_c   177.370
_cell.angle_alpha   90.00
_cell.angle_beta   90.00
_cell.angle_gamma   90.00
#
_symmetry.space_group_name_H-M   'I 4 2 2'
#
loop_
_entity.id
_entity.type
_entity.pdbx_description
1 polymer 'GTPase HRas'
2 polymer 'Son of sevenless homolog 1'
3 non-polymer 'MAGNESIUM ION'
4 non-polymer 'PHOSPHOAMINOPHOSPHONIC ACID-GUANYLATE ESTER'
5 non-polymer 7-chloranyl-~{N}-(3-chloranyl-4-fluoranyl-phenyl)-1,2,3,4-tetrahydroacridin-9-amine
6 water water
#
loop_
_entity_poly.entity_id
_entity_poly.type
_entity_poly.pdbx_seq_one_letter_code
_entity_poly.pdbx_strand_id
1 'polypeptide(L)'
;GMTEYKLVVVGAGGVGKSALTIQLIQNHFVDEYDPTIEDSYRKQVVIDGETCLLDILDTAGQEEYSAMRDQYMRTGEGFL
CVFAINNTKSFEDIHQYREQIKRVKDSDDVPMVLVGNKCDLAARTVESRQAQDLARSYGIPYIETSAKTRQGVEDAFYTL
VREIRQH
;
Q,R
2 'polypeptide(L)'
;GQMRLPSADVYRFAEPDSEENIIFEENMQPKAGIPIIKAGTVIKLIERLTYHMYADPNFVRTFLTTYRSFCKPQELLSLI
IERFEIPEPEPTEADRIAIENGDQPLSAELKRFRKEYIQPVQLRVLNVCRHWVEHHFYDFERDAYLLQRMEEFIGTVRGK
AMKKWVESITKIIQRKKIARDNGPGHNITFQSSPPTVEWHISRPGHIETFDLLTLHPIEIARQLTLLESDLYRAVQPSEL
VGSVWTKEDKEINSPNLLKMIRHTTNLTLWFEKCIVETENLEERVAVVSRIIEILQVFQELNNFNGVLEVVSAMNSSPVY
RLDHTFEQIPSRQKKILEEAHELSEDHYKKYLAKLRSINPPCVPFFGIYLTNILKTEEGNPEVLKRHGKELINFSKRRKV
AEITGEIQQYQNQPYCLRVESDIKRFFENLNPMGNSMEKEFTDYLFNKSLEIEPRNPKPLPRFPKKYSYPLKSPGVRPSN
PR
;
N
#
# COMPACT_ATOMS: atom_id res chain seq x y z
N MET A 2 7.44 -8.66 13.55
CA MET A 2 8.48 -7.66 13.50
C MET A 2 8.25 -6.55 14.52
N THR A 3 9.32 -6.15 15.20
CA THR A 3 9.23 -5.10 16.19
C THR A 3 9.20 -3.74 15.50
N GLU A 4 8.47 -2.81 16.08
CA GLU A 4 8.38 -1.45 15.57
C GLU A 4 9.23 -0.50 16.43
N TYR A 5 10.00 0.38 15.78
CA TYR A 5 10.82 1.36 16.49
C TYR A 5 10.40 2.78 16.14
N LYS A 6 10.15 3.61 17.15
CA LYS A 6 9.83 5.01 16.95
C LYS A 6 11.09 5.88 17.01
N LEU A 7 11.57 6.32 15.86
CA LEU A 7 12.75 7.17 15.79
C LEU A 7 12.31 8.61 15.59
N VAL A 8 13.04 9.53 16.23
CA VAL A 8 12.79 10.94 16.10
C VAL A 8 14.08 11.66 15.74
N VAL A 9 14.02 12.51 14.72
CA VAL A 9 15.18 13.28 14.29
C VAL A 9 15.00 14.75 14.70
N VAL A 10 15.92 15.25 15.53
CA VAL A 10 15.84 16.61 16.08
C VAL A 10 17.14 17.39 15.86
N GLY A 11 17.08 18.71 15.98
CA GLY A 11 18.23 19.55 15.72
C GLY A 11 17.84 20.87 15.07
N ALA A 12 18.76 21.82 15.08
CA ALA A 12 18.50 23.19 14.59
C ALA A 12 18.03 23.19 13.14
N GLY A 13 17.33 24.26 12.76
CA GLY A 13 16.85 24.39 11.39
C GLY A 13 17.99 24.38 10.39
N GLY A 14 17.80 23.64 9.30
CA GLY A 14 18.74 23.61 8.21
C GLY A 14 19.94 22.67 8.31
N VAL A 15 20.04 21.88 9.37
CA VAL A 15 21.19 21.00 9.54
C VAL A 15 21.10 19.75 8.65
N GLY A 16 19.91 19.49 8.12
CA GLY A 16 19.73 18.41 7.17
C GLY A 16 18.96 17.21 7.72
N LYS A 17 18.09 17.45 8.69
CA LYS A 17 17.31 16.37 9.28
C LYS A 17 16.43 15.70 8.22
N SER A 18 15.80 16.51 7.38
CA SER A 18 14.91 15.99 6.36
C SER A 18 15.70 15.31 5.25
N ALA A 19 16.82 15.89 4.86
CA ALA A 19 17.62 15.31 3.82
C ALA A 19 18.17 13.94 4.26
N LEU A 20 18.55 13.83 5.53
CA LEU A 20 19.03 12.55 6.05
C LEU A 20 17.94 11.50 5.98
N THR A 21 16.75 11.87 6.44
CA THR A 21 15.61 10.97 6.49
C THR A 21 15.20 10.49 5.09
N ILE A 22 15.08 11.42 4.15
CA ILE A 22 14.67 11.10 2.78
C ILE A 22 15.74 10.29 2.03
N GLN A 23 17.01 10.55 2.31
CA GLN A 23 18.08 9.72 1.78
C GLN A 23 17.90 8.27 2.26
N LEU A 24 17.61 8.11 3.54
CA LEU A 24 17.39 6.77 4.10
C LEU A 24 16.16 6.11 3.47
N ILE A 25 15.07 6.86 3.37
CA ILE A 25 13.80 6.30 2.92
C ILE A 25 13.81 6.05 1.40
N GLN A 26 14.34 7.00 0.65
CA GLN A 26 14.17 6.96 -0.81
C GLN A 26 15.46 6.88 -1.62
N ASN A 27 16.61 6.90 -0.95
CA ASN A 27 17.91 6.92 -1.62
C ASN A 27 18.04 8.12 -2.55
N HIS A 28 17.52 9.24 -2.08
CA HIS A 28 17.44 10.44 -2.90
C HIS A 28 17.86 11.68 -2.09
N PHE A 29 18.73 12.51 -2.66
CA PHE A 29 19.17 13.72 -1.97
C PHE A 29 18.28 14.91 -2.30
N VAL A 30 17.69 15.50 -1.27
CA VAL A 30 16.85 16.69 -1.43
C VAL A 30 17.72 17.95 -1.42
N ASP A 31 17.70 18.68 -2.53
CA ASP A 31 18.51 19.88 -2.65
C ASP A 31 17.85 21.12 -2.05
N GLU A 32 16.53 21.16 -2.13
CA GLU A 32 15.74 22.26 -1.64
C GLU A 32 15.77 22.29 -0.13
N TYR A 33 15.56 23.48 0.40
CA TYR A 33 15.46 23.70 1.83
C TYR A 33 14.02 24.11 2.11
N ASP A 34 13.18 23.13 2.42
CA ASP A 34 11.79 23.38 2.79
C ASP A 34 11.62 23.10 4.27
N PRO A 35 11.52 24.15 5.09
CA PRO A 35 11.41 23.92 6.54
C PRO A 35 10.24 23.01 6.92
N THR A 36 10.55 22.00 7.73
CA THR A 36 9.60 21.00 8.13
C THR A 36 8.71 21.52 9.25
N ILE A 37 7.46 21.09 9.28
CA ILE A 37 6.65 21.29 10.48
C ILE A 37 6.65 20.01 11.29
N GLU A 38 6.19 18.90 10.69
CA GLU A 38 6.23 17.58 11.30
C GLU A 38 5.89 16.54 10.21
N ASP A 39 6.85 15.67 9.91
CA ASP A 39 6.66 14.64 8.89
C ASP A 39 6.95 13.26 9.47
N SER A 40 6.37 12.25 8.85
CA SER A 40 6.42 10.89 9.36
C SER A 40 6.73 9.90 8.24
N TYR A 41 7.68 9.01 8.47
CA TYR A 41 8.07 8.00 7.48
C TYR A 41 8.15 6.59 8.11
N ARG A 42 7.85 5.57 7.33
CA ARG A 42 8.02 4.18 7.74
C ARG A 42 9.00 3.45 6.84
N LYS A 43 9.79 2.57 7.42
CA LYS A 43 10.72 1.78 6.65
C LYS A 43 10.87 0.38 7.25
N GLN A 44 10.54 -0.62 6.46
CA GLN A 44 10.83 -2.01 6.80
C GLN A 44 12.26 -2.31 6.42
N VAL A 45 13.05 -2.80 7.37
CA VAL A 45 14.44 -3.06 7.09
C VAL A 45 15.00 -4.18 7.99
N VAL A 46 15.88 -4.99 7.43
CA VAL A 46 16.54 -6.04 8.20
C VAL A 46 17.81 -5.48 8.82
N ILE A 47 17.88 -5.43 10.14
CA ILE A 47 19.08 -4.98 10.86
C ILE A 47 19.58 -6.11 11.75
N ASP A 48 20.85 -6.46 11.59
CA ASP A 48 21.44 -7.59 12.33
C ASP A 48 20.60 -8.85 12.21
N GLY A 49 20.12 -9.13 11.01
CA GLY A 49 19.36 -10.35 10.76
C GLY A 49 17.95 -10.35 11.29
N GLU A 50 17.51 -9.23 11.88
CA GLU A 50 16.15 -9.12 12.38
C GLU A 50 15.36 -8.08 11.60
N THR A 51 14.15 -8.43 11.19
CA THR A 51 13.33 -7.48 10.45
C THR A 51 12.69 -6.48 11.39
N CYS A 52 12.87 -5.19 11.08
CA CYS A 52 12.31 -4.08 11.87
C CYS A 52 11.36 -3.23 11.05
N LEU A 53 10.40 -2.61 11.72
CA LEU A 53 9.66 -1.51 11.14
C LEU A 53 10.06 -0.21 11.85
N LEU A 54 10.70 0.67 11.11
CA LEU A 54 11.09 1.98 11.62
C LEU A 54 10.01 3.02 11.33
N ASP A 55 9.48 3.67 12.38
CA ASP A 55 8.71 4.90 12.23
C ASP A 55 9.59 6.08 12.52
N ILE A 56 9.78 6.94 11.54
CA ILE A 56 10.69 8.06 11.72
C ILE A 56 9.90 9.36 11.73
N LEU A 57 9.98 10.06 12.85
CA LEU A 57 9.38 11.37 12.97
C LEU A 57 10.44 12.42 12.65
N ASP A 58 10.17 13.23 11.64
CA ASP A 58 11.06 14.26 11.18
C ASP A 58 10.53 15.59 11.69
N THR A 59 11.32 16.31 12.46
CA THR A 59 10.80 17.46 13.20
C THR A 59 11.29 18.81 12.68
N ALA A 60 10.70 19.85 13.23
CA ALA A 60 10.98 21.22 12.86
C ALA A 60 12.18 21.76 13.63
N GLY A 61 13.14 22.31 12.90
CA GLY A 61 14.26 22.95 13.55
C GLY A 61 14.06 24.44 13.81
N GLN A 62 13.17 25.09 13.04
CA GLN A 62 12.98 26.54 13.19
C GLN A 62 12.49 26.89 14.60
N GLU A 63 13.05 27.94 15.16
CA GLU A 63 12.75 28.35 16.54
C GLU A 63 11.27 28.65 16.74
N GLU A 64 10.60 29.06 15.66
CA GLU A 64 9.19 29.41 15.76
C GLU A 64 8.34 28.21 16.13
N TYR A 65 8.90 27.01 16.02
CA TYR A 65 8.14 25.82 16.37
C TYR A 65 8.61 25.19 17.69
N SER A 66 9.43 25.93 18.45
CA SER A 66 10.08 25.38 19.63
C SER A 66 9.12 24.98 20.76
N ALA A 67 7.89 25.46 20.70
CA ALA A 67 6.95 25.18 21.78
C ALA A 67 6.21 23.87 21.57
N MET A 68 6.47 23.21 20.46
CA MET A 68 5.72 22.00 20.10
C MET A 68 6.54 20.71 20.13
N ARG A 69 7.65 20.74 20.88
CA ARG A 69 8.59 19.62 20.90
C ARG A 69 8.23 18.53 21.92
N ASP A 70 7.67 18.95 23.04
CA ASP A 70 7.30 18.03 24.10
C ASP A 70 6.49 16.87 23.57
N GLN A 71 5.53 17.17 22.68
CA GLN A 71 4.58 16.17 22.24
C GLN A 71 5.27 15.06 21.44
N TYR A 72 6.26 15.39 20.64
CA TYR A 72 6.93 14.34 19.88
C TYR A 72 8.03 13.64 20.70
N MET A 73 8.55 14.30 21.72
CA MET A 73 9.56 13.68 22.56
C MET A 73 8.93 12.64 23.47
N ARG A 74 7.63 12.73 23.69
CA ARG A 74 6.99 11.78 24.60
C ARG A 74 6.86 10.41 23.92
N THR A 75 6.54 10.41 22.63
CA THR A 75 6.33 9.19 21.88
C THR A 75 7.64 8.52 21.43
N GLY A 76 8.66 9.32 21.14
CA GLY A 76 9.92 8.79 20.64
C GLY A 76 10.60 7.80 21.57
N GLU A 77 11.10 6.70 21.00
CA GLU A 77 11.90 5.73 21.75
C GLU A 77 13.39 6.03 21.65
N GLY A 78 13.78 6.72 20.59
CA GLY A 78 15.17 7.04 20.36
C GLY A 78 15.28 8.30 19.54
N PHE A 79 16.40 9.00 19.68
CA PHE A 79 16.56 10.29 19.04
C PHE A 79 17.87 10.43 18.31
N LEU A 80 17.78 10.89 17.07
CA LEU A 80 18.96 11.34 16.34
C LEU A 80 19.10 12.84 16.62
N CYS A 81 20.18 13.25 17.29
CA CYS A 81 20.42 14.67 17.54
C CYS A 81 21.41 15.20 16.53
N VAL A 82 20.91 16.01 15.61
CA VAL A 82 21.68 16.39 14.43
C VAL A 82 22.15 17.83 14.50
N PHE A 83 23.41 18.03 14.14
CA PHE A 83 23.94 19.37 13.89
C PHE A 83 24.67 19.31 12.57
N ALA A 84 25.08 20.47 12.04
CA ALA A 84 25.87 20.50 10.82
C ALA A 84 27.30 20.87 11.17
N ILE A 85 28.27 20.16 10.59
CA ILE A 85 29.67 20.38 10.96
C ILE A 85 30.23 21.70 10.44
N ASN A 86 29.44 22.40 9.63
CA ASN A 86 29.85 23.72 9.17
C ASN A 86 29.05 24.82 9.85
N ASN A 87 28.36 24.46 10.93
CA ASN A 87 27.51 25.41 11.64
C ASN A 87 27.66 25.28 13.17
N THR A 88 28.49 26.12 13.74
CA THR A 88 28.85 26.03 15.16
C THR A 88 27.64 26.23 16.03
N LYS A 89 26.77 27.14 15.65
CA LYS A 89 25.57 27.42 16.43
C LYS A 89 24.69 26.17 16.51
N SER A 90 24.59 25.42 15.43
CA SER A 90 23.78 24.20 15.44
C SER A 90 24.39 23.18 16.42
N PHE A 91 25.71 23.16 16.52
CA PHE A 91 26.36 22.32 17.51
C PHE A 91 26.04 22.78 18.93
N GLU A 92 26.10 24.09 19.18
CA GLU A 92 25.73 24.64 20.49
C GLU A 92 24.26 24.40 20.85
N ASP A 93 23.39 24.25 19.85
CA ASP A 93 21.97 23.99 20.11
C ASP A 93 21.71 22.56 20.58
N ILE A 94 22.66 21.65 20.33
CA ILE A 94 22.49 20.23 20.65
C ILE A 94 22.15 20.03 22.12
N HIS A 95 22.85 20.73 23.00
CA HIS A 95 22.70 20.48 24.42
C HIS A 95 21.28 20.81 24.89
N GLN A 96 20.63 21.76 24.22
CA GLN A 96 19.26 22.12 24.60
C GLN A 96 18.29 21.01 24.23
N TYR A 97 18.55 20.33 23.11
CA TYR A 97 17.72 19.19 22.72
C TYR A 97 17.90 18.04 23.69
N ARG A 98 19.17 17.74 24.01
CA ARG A 98 19.50 16.67 24.96
CA ARG A 98 19.49 16.67 24.95
C ARG A 98 18.76 16.87 26.28
N GLU A 99 18.87 18.07 26.83
CA GLU A 99 18.26 18.34 28.14
C GLU A 99 16.74 18.28 28.08
N GLN A 100 16.14 18.78 27.00
CA GLN A 100 14.70 18.74 26.89
C GLN A 100 14.19 17.30 26.77
N ILE A 101 14.92 16.47 26.01
CA ILE A 101 14.52 15.08 25.86
C ILE A 101 14.58 14.37 27.21
N LYS A 102 15.68 14.57 27.92
CA LYS A 102 15.83 14.01 29.27
C LYS A 102 14.71 14.46 30.19
N ARG A 103 14.37 15.74 30.14
CA ARG A 103 13.31 16.29 30.96
C ARG A 103 11.98 15.62 30.63
N VAL A 104 11.61 15.67 29.36
CA VAL A 104 10.30 15.19 28.92
C VAL A 104 10.11 13.73 29.25
N LYS A 105 11.13 12.92 29.02
CA LYS A 105 11.00 11.49 29.24
C LYS A 105 11.38 11.15 30.67
N ASP A 106 11.84 12.15 31.42
CA ASP A 106 12.24 11.99 32.81
C ASP A 106 13.19 10.81 32.98
N SER A 107 14.27 10.83 32.23
CA SER A 107 15.21 9.74 32.24
C SER A 107 16.56 10.20 31.78
N ASP A 108 17.58 9.57 32.35
CA ASP A 108 18.99 9.84 32.05
C ASP A 108 19.48 8.84 31.01
N ASP A 109 18.59 7.92 30.64
CA ASP A 109 18.96 6.74 29.87
C ASP A 109 18.19 6.61 28.55
N VAL A 110 18.10 7.70 27.79
CA VAL A 110 17.32 7.70 26.56
C VAL A 110 18.21 7.36 25.37
N PRO A 111 17.85 6.34 24.59
CA PRO A 111 18.63 5.98 23.39
C PRO A 111 18.82 7.18 22.48
N MET A 112 20.05 7.42 22.08
CA MET A 112 20.40 8.63 21.36
C MET A 112 21.67 8.44 20.54
N VAL A 113 21.72 9.08 19.38
CA VAL A 113 22.94 9.14 18.60
C VAL A 113 23.22 10.60 18.25
N LEU A 114 24.48 11.03 18.42
CA LEU A 114 24.89 12.37 18.01
C LEU A 114 25.35 12.33 16.56
N VAL A 115 24.76 13.19 15.73
CA VAL A 115 25.04 13.17 14.32
C VAL A 115 25.57 14.51 13.83
N GLY A 116 26.76 14.47 13.22
CA GLY A 116 27.33 15.63 12.59
C GLY A 116 27.15 15.54 11.09
N ASN A 117 26.17 16.25 10.56
CA ASN A 117 25.81 16.14 9.15
C ASN A 117 26.59 17.10 8.25
N LYS A 118 26.44 16.89 6.94
CA LYS A 118 27.11 17.66 5.89
C LYS A 118 28.62 17.45 5.89
N CYS A 119 29.06 16.24 6.19
CA CYS A 119 30.49 15.95 6.27
C CYS A 119 31.12 15.88 4.88
N ASP A 120 30.31 16.04 3.83
CA ASP A 120 30.82 16.15 2.47
C ASP A 120 31.42 17.51 2.17
N LEU A 121 31.11 18.52 3.00
CA LEU A 121 31.63 19.85 2.78
C LEU A 121 33.01 20.01 3.42
N ALA A 122 33.93 20.66 2.71
CA ALA A 122 35.29 20.86 3.21
C ALA A 122 35.33 21.89 4.35
N ALA A 123 34.55 22.95 4.21
CA ALA A 123 34.56 24.04 5.18
C ALA A 123 33.96 23.68 6.54
N ARG A 124 34.64 22.82 7.27
CA ARG A 124 34.22 22.42 8.61
C ARG A 124 34.49 23.50 9.67
N THR A 125 33.58 23.68 10.62
CA THR A 125 33.81 24.61 11.73
C THR A 125 33.65 23.94 13.09
N VAL A 126 33.09 22.74 13.10
CA VAL A 126 33.01 21.96 14.32
C VAL A 126 33.95 20.79 14.16
N GLU A 127 34.92 20.67 15.06
CA GLU A 127 35.91 19.61 14.94
C GLU A 127 35.36 18.33 15.54
N SER A 128 35.69 17.21 14.90
CA SER A 128 35.22 15.89 15.33
C SER A 128 35.50 15.61 16.80
N ARG A 129 36.69 16.00 17.25
CA ARG A 129 37.09 15.80 18.64
C ARG A 129 36.13 16.48 19.61
N GLN A 130 35.75 17.71 19.26
CA GLN A 130 34.81 18.49 20.06
C GLN A 130 33.45 17.77 20.16
N ALA A 131 32.98 17.24 19.03
CA ALA A 131 31.70 16.53 19.04
C ALA A 131 31.83 15.18 19.73
N GLN A 132 32.96 14.52 19.54
CA GLN A 132 33.24 13.24 20.19
C GLN A 132 33.24 13.41 21.72
N ASP A 133 33.88 14.47 22.22
CA ASP A 133 33.92 14.74 23.67
C ASP A 133 32.52 14.88 24.23
N LEU A 134 31.66 15.60 23.52
CA LEU A 134 30.29 15.80 23.96
C LEU A 134 29.53 14.48 23.95
N ALA A 135 29.69 13.71 22.88
CA ALA A 135 29.03 12.41 22.79
C ALA A 135 29.42 11.52 23.97
N ARG A 136 30.71 11.49 24.30
CA ARG A 136 31.16 10.69 25.44
C ARG A 136 30.53 11.16 26.74
N SER A 137 30.43 12.47 26.91
CA SER A 137 29.83 13.00 28.13
C SER A 137 28.35 12.63 28.22
N TYR A 138 27.72 12.34 27.08
CA TYR A 138 26.32 11.89 27.04
C TYR A 138 26.20 10.37 27.13
N GLY A 139 27.30 9.68 26.87
CA GLY A 139 27.30 8.22 26.84
C GLY A 139 26.71 7.67 25.55
N ILE A 140 26.89 8.38 24.45
CA ILE A 140 26.28 7.99 23.18
C ILE A 140 27.28 8.07 22.05
N PRO A 141 27.04 7.32 20.97
CA PRO A 141 27.98 7.36 19.85
C PRO A 141 27.85 8.62 19.03
N TYR A 142 28.90 8.93 18.28
CA TYR A 142 28.96 10.08 17.42
C TYR A 142 29.22 9.60 16.00
N ILE A 143 28.35 9.98 15.08
CA ILE A 143 28.50 9.54 13.70
C ILE A 143 28.41 10.74 12.75
N GLU A 144 29.39 10.87 11.86
CA GLU A 144 29.37 11.94 10.87
C GLU A 144 28.72 11.44 9.60
N THR A 145 27.87 12.27 9.02
CA THR A 145 27.05 11.85 7.90
C THR A 145 27.05 12.84 6.78
N SER A 146 26.65 12.37 5.61
CA SER A 146 26.28 13.25 4.51
C SER A 146 25.00 12.73 3.89
N ALA A 147 23.94 13.52 3.97
CA ALA A 147 22.70 13.15 3.30
C ALA A 147 22.88 13.19 1.78
N LYS A 148 23.92 13.87 1.31
CA LYS A 148 24.16 14.00 -0.12
C LYS A 148 24.83 12.77 -0.75
N THR A 149 25.83 12.21 -0.06
CA THR A 149 26.60 11.07 -0.58
C THR A 149 26.20 9.74 0.03
N ARG A 150 25.38 9.80 1.09
CA ARG A 150 24.94 8.65 1.92
C ARG A 150 25.96 8.21 2.96
N GLN A 151 27.10 8.88 3.01
CA GLN A 151 28.11 8.52 3.99
C GLN A 151 27.51 8.55 5.39
N GLY A 152 27.64 7.43 6.10
CA GLY A 152 27.22 7.32 7.49
C GLY A 152 25.72 7.30 7.76
N VAL A 153 24.90 7.39 6.73
CA VAL A 153 23.46 7.56 6.93
C VAL A 153 22.82 6.32 7.55
N GLU A 154 23.02 5.15 6.95
CA GLU A 154 22.48 3.93 7.54
C GLU A 154 23.10 3.67 8.90
N ASP A 155 24.40 3.90 9.01
CA ASP A 155 25.11 3.69 10.27
C ASP A 155 24.47 4.50 11.41
N ALA A 156 24.13 5.76 11.14
CA ALA A 156 23.52 6.61 12.16
C ALA A 156 22.16 6.08 12.58
N PHE A 157 21.29 5.77 11.60
CA PHE A 157 19.94 5.35 11.94
C PHE A 157 19.94 3.95 12.56
N TYR A 158 20.75 3.05 12.03
CA TYR A 158 20.67 1.67 12.50
C TYR A 158 21.37 1.52 13.83
N THR A 159 22.34 2.39 14.10
CA THR A 159 22.95 2.44 15.43
C THR A 159 21.88 2.84 16.45
N LEU A 160 21.08 3.85 16.14
CA LEU A 160 19.99 4.25 17.04
C LEU A 160 19.05 3.07 17.28
N VAL A 161 18.74 2.32 16.22
CA VAL A 161 17.89 1.13 16.38
C VAL A 161 18.53 0.14 17.37
N ARG A 162 19.83 -0.09 17.24
CA ARG A 162 20.53 -1.02 18.13
C ARG A 162 20.43 -0.57 19.58
N GLU A 163 20.52 0.73 19.82
CA GLU A 163 20.40 1.25 21.18
C GLU A 163 18.99 1.11 21.75
N ILE A 164 17.99 1.28 20.91
CA ILE A 164 16.62 1.04 21.36
C ILE A 164 16.45 -0.44 21.70
N ARG A 165 17.04 -1.30 20.87
CA ARG A 165 16.97 -2.74 21.04
C ARG A 165 17.55 -3.22 22.38
N GLN A 166 18.69 -2.66 22.75
CA GLN A 166 19.37 -3.02 23.99
C GLN A 166 18.89 -2.22 25.20
N HIS A 167 18.01 -1.26 24.98
CA HIS A 167 17.52 -0.44 26.08
C HIS A 167 16.68 -1.27 27.03
N GLY B 1 -11.63 -31.83 12.78
CA GLY B 1 -12.16 -33.17 12.59
C GLY B 1 -13.46 -33.17 11.82
N MET B 2 -14.07 -32.00 11.69
CA MET B 2 -15.26 -31.85 10.87
C MET B 2 -14.86 -31.65 9.41
N THR B 3 -15.81 -31.86 8.51
CA THR B 3 -15.56 -31.65 7.11
C THR B 3 -15.35 -30.16 6.84
N GLU B 4 -14.42 -29.86 5.96
CA GLU B 4 -14.18 -28.50 5.53
C GLU B 4 -14.46 -28.39 4.05
N TYR B 5 -15.31 -27.44 3.68
CA TYR B 5 -15.61 -27.22 2.27
C TYR B 5 -14.87 -25.98 1.75
N LYS B 6 -14.18 -26.15 0.63
CA LYS B 6 -13.50 -25.05 -0.05
C LYS B 6 -14.44 -24.44 -1.06
N LEU B 7 -14.98 -23.27 -0.73
CA LEU B 7 -15.93 -22.59 -1.62
C LEU B 7 -15.27 -21.42 -2.34
N VAL B 8 -15.54 -21.28 -3.63
CA VAL B 8 -14.98 -20.17 -4.40
C VAL B 8 -16.07 -19.31 -5.06
N VAL B 9 -16.01 -18.01 -4.79
CA VAL B 9 -16.95 -17.04 -5.36
C VAL B 9 -16.37 -16.42 -6.64
N VAL B 10 -17.13 -16.46 -7.73
CA VAL B 10 -16.66 -15.87 -8.97
C VAL B 10 -17.74 -15.00 -9.59
N GLY B 11 -17.34 -14.04 -10.42
CA GLY B 11 -18.28 -13.18 -11.09
C GLY B 11 -17.70 -11.81 -11.37
N ALA B 12 -18.41 -11.04 -12.20
CA ALA B 12 -17.93 -9.74 -12.65
C ALA B 12 -17.63 -8.80 -11.47
N GLY B 13 -16.63 -7.94 -11.65
CA GLY B 13 -16.30 -6.98 -10.62
C GLY B 13 -17.19 -5.75 -10.69
N GLY B 14 -17.14 -4.94 -9.63
CA GLY B 14 -17.79 -3.64 -9.65
C GLY B 14 -19.29 -3.63 -9.44
N VAL B 15 -19.89 -4.75 -9.05
CA VAL B 15 -21.33 -4.77 -8.89
C VAL B 15 -21.78 -5.47 -7.62
N GLY B 16 -21.02 -5.24 -6.54
CA GLY B 16 -21.42 -5.67 -5.21
C GLY B 16 -21.22 -7.13 -4.84
N LYS B 17 -20.48 -7.87 -5.67
CA LYS B 17 -20.20 -9.29 -5.44
C LYS B 17 -19.71 -9.62 -4.03
N SER B 18 -18.79 -8.80 -3.51
CA SER B 18 -18.15 -9.06 -2.21
C SER B 18 -19.11 -9.02 -1.03
N ALA B 19 -20.28 -8.40 -1.21
CA ALA B 19 -21.26 -8.26 -0.15
C ALA B 19 -21.77 -9.63 0.33
N LEU B 20 -21.84 -10.56 -0.59
CA LEU B 20 -22.36 -11.88 -0.31
C LEU B 20 -21.53 -12.60 0.79
N THR B 21 -20.23 -12.71 0.57
CA THR B 21 -19.39 -13.42 1.53
C THR B 21 -19.21 -12.62 2.81
N ILE B 22 -19.08 -11.30 2.66
CA ILE B 22 -19.01 -10.42 3.81
C ILE B 22 -20.25 -10.58 4.69
N GLN B 23 -21.46 -10.58 4.11
CA GLN B 23 -22.68 -10.69 4.91
C GLN B 23 -22.74 -12.04 5.60
N LEU B 24 -22.24 -13.09 4.94
CA LEU B 24 -22.18 -14.41 5.56
C LEU B 24 -21.24 -14.47 6.75
N ILE B 25 -19.99 -14.06 6.52
CA ILE B 25 -18.95 -14.17 7.54
C ILE B 25 -19.18 -13.13 8.61
N GLN B 26 -19.76 -12.01 8.22
CA GLN B 26 -19.96 -10.85 9.09
C GLN B 26 -20.49 -11.23 10.42
N ASN B 27 -20.25 -10.35 11.38
CA ASN B 27 -20.82 -10.43 12.71
C ASN B 27 -22.26 -10.91 12.69
N HIS B 28 -23.04 -10.23 11.87
CA HIS B 28 -24.49 -10.41 11.80
C HIS B 28 -24.80 -9.53 12.97
N PHE B 29 -25.77 -8.66 12.86
CA PHE B 29 -26.08 -7.75 13.95
C PHE B 29 -25.12 -6.56 14.17
N VAL B 30 -24.02 -6.51 13.45
CA VAL B 30 -23.15 -5.34 13.51
C VAL B 30 -22.41 -5.12 12.20
N ASP B 31 -22.67 -3.97 11.60
CA ASP B 31 -22.08 -3.68 10.31
C ASP B 31 -20.60 -3.36 10.47
N GLU B 32 -19.77 -4.36 10.31
CA GLU B 32 -18.34 -4.19 10.45
C GLU B 32 -17.60 -5.31 9.75
N TYR B 33 -16.35 -5.04 9.40
CA TYR B 33 -15.53 -6.01 8.68
C TYR B 33 -14.06 -5.60 8.66
N ASP B 34 -13.19 -6.55 8.93
CA ASP B 34 -11.77 -6.39 8.67
C ASP B 34 -11.31 -7.63 7.90
N PRO B 35 -11.18 -7.49 6.57
CA PRO B 35 -10.84 -8.61 5.70
C PRO B 35 -9.41 -9.07 5.93
N THR B 36 -8.68 -8.22 6.64
CA THR B 36 -7.25 -8.36 6.90
C THR B 36 -6.98 -9.47 7.92
N ILE B 37 -7.94 -9.75 8.79
CA ILE B 37 -7.72 -10.77 9.80
C ILE B 37 -8.24 -12.14 9.35
N GLU B 38 -7.53 -13.19 9.75
CA GLU B 38 -8.02 -14.55 9.56
C GLU B 38 -9.33 -14.69 10.34
N ASP B 39 -10.13 -15.70 10.01
CA ASP B 39 -11.49 -15.92 10.54
C ASP B 39 -12.47 -14.99 9.81
N SER B 40 -11.94 -14.17 8.90
CA SER B 40 -12.77 -13.30 8.07
C SER B 40 -13.25 -14.03 6.81
N TYR B 41 -12.73 -15.23 6.57
CA TYR B 41 -13.14 -16.04 5.43
C TYR B 41 -13.31 -17.52 5.80
N ARG B 42 -13.36 -17.80 7.11
CA ARG B 42 -13.61 -19.15 7.61
C ARG B 42 -14.78 -19.15 8.59
N LYS B 43 -15.70 -20.11 8.45
CA LYS B 43 -16.90 -20.08 9.26
C LYS B 43 -17.46 -21.47 9.54
N GLN B 44 -17.73 -21.72 10.82
CA GLN B 44 -18.30 -22.99 11.24
C GLN B 44 -19.81 -22.86 11.26
N VAL B 45 -20.49 -23.79 10.60
CA VAL B 45 -21.92 -23.71 10.43
C VAL B 45 -22.54 -25.09 10.56
N VAL B 46 -23.83 -25.14 10.86
CA VAL B 46 -24.57 -26.37 10.87
C VAL B 46 -25.56 -26.37 9.72
N ILE B 47 -25.42 -27.35 8.84
CA ILE B 47 -26.25 -27.47 7.66
C ILE B 47 -26.93 -28.84 7.69
N ASP B 48 -28.25 -28.83 7.77
CA ASP B 48 -29.05 -30.05 7.91
C ASP B 48 -28.50 -30.90 9.05
N GLY B 49 -28.19 -30.26 10.17
CA GLY B 49 -27.74 -30.98 11.34
C GLY B 49 -26.30 -31.44 11.34
N GLU B 50 -25.61 -31.28 10.21
CA GLU B 50 -24.21 -31.68 10.15
C GLU B 50 -23.30 -30.46 10.23
N THR B 51 -22.47 -30.41 11.28
CA THR B 51 -21.55 -29.31 11.46
C THR B 51 -20.38 -29.41 10.48
N CYS B 52 -20.02 -28.29 9.88
CA CYS B 52 -18.90 -28.24 8.96
C CYS B 52 -18.20 -26.89 8.98
N LEU B 53 -17.10 -26.82 8.27
CA LEU B 53 -16.28 -25.63 8.20
C LEU B 53 -16.24 -25.06 6.77
N LEU B 54 -16.69 -23.82 6.63
CA LEU B 54 -16.67 -23.16 5.35
C LEU B 54 -15.42 -22.31 5.18
N ASP B 55 -14.63 -22.65 4.17
CA ASP B 55 -13.52 -21.80 3.77
C ASP B 55 -13.88 -21.14 2.44
N ILE B 56 -14.05 -19.83 2.47
CA ILE B 56 -14.50 -19.12 1.29
C ILE B 56 -13.41 -18.24 0.69
N LEU B 57 -13.14 -18.48 -0.58
CA LEU B 57 -12.23 -17.65 -1.33
C LEU B 57 -13.03 -16.68 -2.18
N ASP B 58 -12.92 -15.41 -1.86
CA ASP B 58 -13.53 -14.36 -2.68
C ASP B 58 -12.44 -13.34 -3.00
N THR B 59 -11.96 -13.36 -4.23
CA THR B 59 -10.91 -12.44 -4.65
C THR B 59 -11.48 -11.18 -5.30
N ALA B 60 -12.70 -10.80 -4.89
CA ALA B 60 -13.30 -9.54 -5.34
C ALA B 60 -12.28 -8.40 -5.37
N GLY B 61 -12.23 -7.68 -6.48
CA GLY B 61 -11.24 -6.63 -6.62
C GLY B 61 -10.08 -6.99 -7.52
N GLN B 62 -9.88 -8.28 -7.75
CA GLN B 62 -8.77 -8.76 -8.57
C GLN B 62 -9.19 -9.21 -9.96
N GLU B 63 -10.37 -8.77 -10.40
CA GLU B 63 -10.96 -9.27 -11.65
C GLU B 63 -10.07 -9.00 -12.86
N GLU B 64 -9.30 -7.92 -12.80
CA GLU B 64 -8.46 -7.55 -13.92
C GLU B 64 -7.26 -8.51 -14.05
N TYR B 65 -6.89 -9.18 -12.95
CA TYR B 65 -5.91 -10.26 -13.00
C TYR B 65 -6.53 -11.51 -13.62
N SER B 66 -6.89 -11.45 -14.89
CA SER B 66 -7.72 -12.49 -15.47
C SER B 66 -6.96 -13.81 -15.69
N ALA B 67 -5.64 -13.75 -15.78
CA ALA B 67 -4.87 -14.98 -15.97
C ALA B 67 -4.63 -15.72 -14.64
N MET B 68 -5.09 -15.14 -13.53
CA MET B 68 -4.99 -15.79 -12.24
C MET B 68 -6.25 -16.57 -11.92
N ARG B 69 -7.24 -16.47 -12.80
CA ARG B 69 -8.54 -17.12 -12.60
C ARG B 69 -8.39 -18.63 -12.37
N ASP B 70 -7.70 -19.30 -13.28
CA ASP B 70 -7.54 -20.74 -13.20
C ASP B 70 -6.95 -21.17 -11.88
N GLN B 71 -5.89 -20.49 -11.43
CA GLN B 71 -5.26 -20.89 -10.19
C GLN B 71 -6.17 -20.64 -8.97
N TYR B 72 -6.95 -19.56 -8.99
CA TYR B 72 -7.86 -19.32 -7.88
C TYR B 72 -8.98 -20.40 -7.87
N MET B 73 -9.54 -20.69 -9.03
CA MET B 73 -10.62 -21.67 -9.17
C MET B 73 -10.21 -23.09 -8.80
N ARG B 74 -9.00 -23.46 -9.16
CA ARG B 74 -8.45 -24.79 -8.89
C ARG B 74 -8.62 -25.20 -7.43
N THR B 75 -8.50 -24.22 -6.53
CA THR B 75 -8.60 -24.44 -5.09
C THR B 75 -9.97 -24.86 -4.56
N GLY B 76 -11.02 -24.72 -5.36
CA GLY B 76 -12.38 -24.93 -4.87
C GLY B 76 -13.03 -26.26 -5.21
N GLU B 77 -13.91 -26.73 -4.33
CA GLU B 77 -14.73 -27.90 -4.62
C GLU B 77 -16.13 -27.51 -5.03
N GLY B 78 -16.53 -26.29 -4.70
CA GLY B 78 -17.84 -25.78 -5.07
C GLY B 78 -17.75 -24.31 -5.38
N PHE B 79 -18.64 -23.83 -6.25
CA PHE B 79 -18.53 -22.49 -6.79
C PHE B 79 -19.84 -21.73 -6.74
N LEU B 80 -19.78 -20.47 -6.32
CA LEU B 80 -20.90 -19.56 -6.48
C LEU B 80 -20.62 -18.66 -7.66
N CYS B 81 -21.44 -18.76 -8.70
CA CYS B 81 -21.32 -17.87 -9.86
C CYS B 81 -22.30 -16.72 -9.71
N VAL B 82 -21.76 -15.53 -9.49
CA VAL B 82 -22.53 -14.38 -9.08
C VAL B 82 -22.63 -13.32 -10.16
N PHE B 83 -23.84 -12.85 -10.41
CA PHE B 83 -24.06 -11.72 -11.27
C PHE B 83 -24.95 -10.74 -10.52
N ALA B 84 -25.00 -9.49 -10.98
CA ALA B 84 -25.89 -8.50 -10.41
C ALA B 84 -27.15 -8.41 -11.26
N ILE B 85 -28.30 -8.30 -10.61
CA ILE B 85 -29.56 -8.33 -11.33
C ILE B 85 -29.81 -7.01 -12.06
N ASN B 86 -29.02 -5.98 -11.77
CA ASN B 86 -29.13 -4.72 -12.51
C ASN B 86 -27.99 -4.53 -13.51
N ASN B 87 -27.30 -5.62 -13.84
CA ASN B 87 -26.19 -5.54 -14.76
C ASN B 87 -26.18 -6.74 -15.68
N THR B 88 -26.73 -6.55 -16.87
CA THR B 88 -26.95 -7.60 -17.84
C THR B 88 -25.64 -8.20 -18.30
N LYS B 89 -24.63 -7.37 -18.46
CA LYS B 89 -23.32 -7.85 -18.85
C LYS B 89 -22.79 -8.91 -17.88
N SER B 90 -22.95 -8.65 -16.58
CA SER B 90 -22.46 -9.60 -15.57
C SER B 90 -23.18 -10.95 -15.68
N PHE B 91 -24.45 -10.90 -16.08
CA PHE B 91 -25.26 -12.11 -16.31
C PHE B 91 -24.78 -12.87 -17.56
N GLU B 92 -24.48 -12.12 -18.62
CA GLU B 92 -23.97 -12.72 -19.85
C GLU B 92 -22.58 -13.30 -19.66
N ASP B 93 -21.84 -12.79 -18.68
CA ASP B 93 -20.53 -13.33 -18.34
C ASP B 93 -20.60 -14.73 -17.76
N ILE B 94 -21.76 -15.14 -17.25
CA ILE B 94 -21.85 -16.33 -16.42
C ILE B 94 -21.39 -17.57 -17.19
N HIS B 95 -21.84 -17.70 -18.42
CA HIS B 95 -21.51 -18.84 -19.27
C HIS B 95 -19.99 -19.10 -19.36
N GLN B 96 -19.20 -18.04 -19.51
CA GLN B 96 -17.75 -18.21 -19.62
C GLN B 96 -17.13 -18.62 -18.29
N TYR B 97 -17.64 -18.08 -17.19
CA TYR B 97 -17.18 -18.52 -15.86
C TYR B 97 -17.44 -20.01 -15.65
N ARG B 98 -18.63 -20.46 -16.02
CA ARG B 98 -18.99 -21.86 -15.87
C ARG B 98 -18.10 -22.74 -16.76
N GLU B 99 -17.93 -22.35 -18.01
CA GLU B 99 -17.04 -23.08 -18.92
C GLU B 99 -15.64 -23.17 -18.36
N GLN B 100 -15.18 -22.08 -17.75
CA GLN B 100 -13.81 -22.01 -17.25
C GLN B 100 -13.64 -22.89 -16.01
N ILE B 101 -14.64 -22.89 -15.14
CA ILE B 101 -14.64 -23.77 -13.98
C ILE B 101 -14.58 -25.24 -14.40
N LYS B 102 -15.40 -25.61 -15.39
CA LYS B 102 -15.44 -26.99 -15.90
C LYS B 102 -14.09 -27.44 -16.41
N ARG B 103 -13.45 -26.57 -17.19
CA ARG B 103 -12.14 -26.84 -17.74
C ARG B 103 -11.09 -27.03 -16.63
N VAL B 104 -11.05 -26.11 -15.67
CA VAL B 104 -10.09 -26.17 -14.58
C VAL B 104 -10.26 -27.41 -13.70
N LYS B 105 -11.51 -27.78 -13.45
CA LYS B 105 -11.80 -28.94 -12.63
C LYS B 105 -11.83 -30.22 -13.49
N ASP B 106 -11.73 -30.06 -14.80
CA ASP B 106 -11.79 -31.18 -15.75
C ASP B 106 -13.02 -32.05 -15.51
N SER B 107 -14.20 -31.43 -15.58
CA SER B 107 -15.43 -32.14 -15.24
C SER B 107 -16.64 -31.38 -15.77
N ASP B 108 -17.68 -32.13 -16.15
CA ASP B 108 -18.92 -31.53 -16.62
C ASP B 108 -19.89 -31.37 -15.46
N ASP B 109 -19.51 -31.93 -14.31
CA ASP B 109 -20.38 -31.93 -13.15
C ASP B 109 -19.68 -31.36 -11.92
N VAL B 110 -19.55 -30.04 -11.91
CA VAL B 110 -18.94 -29.31 -10.80
C VAL B 110 -20.02 -28.72 -9.93
N PRO B 111 -19.95 -28.94 -8.61
CA PRO B 111 -20.98 -28.37 -7.74
C PRO B 111 -20.95 -26.85 -7.84
N MET B 112 -22.04 -26.26 -8.31
CA MET B 112 -22.10 -24.83 -8.34
C MET B 112 -23.53 -24.34 -8.21
N VAL B 113 -23.65 -23.09 -7.78
CA VAL B 113 -24.93 -22.42 -7.70
C VAL B 113 -24.85 -21.12 -8.49
N LEU B 114 -25.97 -20.72 -9.09
CA LEU B 114 -26.03 -19.44 -9.76
C LEU B 114 -26.64 -18.47 -8.77
N VAL B 115 -26.03 -17.30 -8.63
CA VAL B 115 -26.51 -16.32 -7.65
C VAL B 115 -26.75 -14.97 -8.31
N GLY B 116 -28.01 -14.52 -8.26
CA GLY B 116 -28.37 -13.19 -8.71
C GLY B 116 -28.40 -12.26 -7.52
N ASN B 117 -27.56 -11.23 -7.53
CA ASN B 117 -27.37 -10.37 -6.37
C ASN B 117 -27.97 -8.99 -6.60
N LYS B 118 -28.77 -8.52 -5.66
CA LYS B 118 -29.31 -7.17 -5.72
C LYS B 118 -28.41 -6.24 -4.93
N CYS B 119 -27.58 -5.47 -5.61
CA CYS B 119 -26.53 -4.71 -4.92
C CYS B 119 -26.90 -3.25 -4.66
N ASP B 120 -27.94 -2.76 -5.35
CA ASP B 120 -28.50 -1.46 -5.00
C ASP B 120 -29.96 -1.33 -5.44
N LEU B 121 -30.49 -0.12 -5.35
CA LEU B 121 -31.91 0.10 -5.62
C LEU B 121 -32.16 0.52 -7.06
N ALA B 122 -31.12 0.47 -7.89
CA ALA B 122 -31.28 0.71 -9.32
C ALA B 122 -32.23 -0.33 -9.92
N ALA B 123 -32.71 -0.05 -11.13
CA ALA B 123 -33.71 -0.91 -11.75
C ALA B 123 -33.11 -2.25 -12.15
N ARG B 124 -33.84 -3.31 -11.86
CA ARG B 124 -33.47 -4.64 -12.29
C ARG B 124 -33.52 -4.74 -13.82
N THR B 125 -32.54 -5.39 -14.42
CA THR B 125 -32.54 -5.61 -15.88
C THR B 125 -32.49 -7.08 -16.21
N VAL B 126 -32.20 -7.91 -15.23
CA VAL B 126 -32.28 -9.35 -15.41
C VAL B 126 -33.47 -9.87 -14.62
N GLU B 127 -34.50 -10.34 -15.31
CA GLU B 127 -35.66 -10.91 -14.63
C GLU B 127 -35.29 -12.28 -14.04
N SER B 128 -35.91 -12.62 -12.92
CA SER B 128 -35.60 -13.87 -12.25
C SER B 128 -35.93 -15.08 -13.12
N ARG B 129 -36.93 -14.96 -13.98
CA ARG B 129 -37.26 -16.04 -14.90
C ARG B 129 -36.13 -16.34 -15.89
N GLN B 130 -35.46 -15.30 -16.40
CA GLN B 130 -34.30 -15.50 -17.28
C GLN B 130 -33.22 -16.31 -16.58
N ALA B 131 -32.92 -15.93 -15.33
CA ALA B 131 -31.88 -16.58 -14.56
C ALA B 131 -32.27 -18.01 -14.16
N GLN B 132 -33.55 -18.20 -13.82
CA GLN B 132 -34.10 -19.54 -13.59
C GLN B 132 -33.89 -20.44 -14.79
N ASP B 133 -34.28 -19.95 -15.97
CA ASP B 133 -34.11 -20.69 -17.22
C ASP B 133 -32.66 -21.06 -17.45
N LEU B 134 -31.76 -20.10 -17.23
CA LEU B 134 -30.33 -20.32 -17.44
C LEU B 134 -29.82 -21.39 -16.48
N ALA B 135 -30.19 -21.24 -15.22
CA ALA B 135 -29.82 -22.22 -14.20
C ALA B 135 -30.37 -23.60 -14.53
N ARG B 136 -31.62 -23.68 -14.96
CA ARG B 136 -32.19 -24.97 -15.31
C ARG B 136 -31.43 -25.60 -16.48
N SER B 137 -31.08 -24.81 -17.49
CA SER B 137 -30.37 -25.34 -18.64
C SER B 137 -28.99 -25.86 -18.23
N TYR B 138 -28.46 -25.35 -17.11
CA TYR B 138 -27.17 -25.82 -16.59
C TYR B 138 -27.34 -26.99 -15.61
N GLY B 139 -28.56 -27.19 -15.13
CA GLY B 139 -28.80 -28.19 -14.11
C GLY B 139 -28.29 -27.80 -12.73
N ILE B 140 -28.36 -26.52 -12.41
CA ILE B 140 -27.87 -26.03 -11.12
C ILE B 140 -28.92 -25.17 -10.44
N PRO B 141 -28.82 -25.04 -9.12
CA PRO B 141 -29.78 -24.16 -8.43
C PRO B 141 -29.57 -22.67 -8.72
N TYR B 142 -30.65 -21.93 -8.54
CA TYR B 142 -30.61 -20.49 -8.60
C TYR B 142 -31.08 -19.90 -7.29
N ILE B 143 -30.30 -18.96 -6.76
CA ILE B 143 -30.64 -18.22 -5.54
C ILE B 143 -30.51 -16.72 -5.73
N GLU B 144 -31.51 -15.95 -5.32
CA GLU B 144 -31.38 -14.50 -5.35
C GLU B 144 -31.10 -13.98 -3.98
N THR B 145 -30.21 -13.00 -3.91
CA THR B 145 -29.76 -12.41 -2.66
C THR B 145 -29.83 -10.90 -2.71
N SER B 146 -29.94 -10.29 -1.54
CA SER B 146 -29.81 -8.85 -1.41
C SER B 146 -28.49 -8.48 -0.73
N ALA B 147 -27.84 -7.43 -1.22
CA ALA B 147 -26.53 -7.02 -0.68
C ALA B 147 -26.67 -6.13 0.57
N LYS B 148 -27.90 -5.83 0.96
CA LYS B 148 -28.12 -4.91 2.06
C LYS B 148 -28.80 -5.55 3.24
N THR B 149 -29.70 -6.50 2.97
CA THR B 149 -30.61 -7.00 3.99
C THR B 149 -30.24 -8.38 4.49
N ARG B 150 -29.22 -8.96 3.86
CA ARG B 150 -28.75 -10.32 4.12
C ARG B 150 -29.71 -11.43 3.63
N GLN B 151 -30.83 -11.05 3.02
CA GLN B 151 -31.73 -12.05 2.44
C GLN B 151 -31.04 -12.93 1.42
N GLY B 152 -31.23 -14.24 1.56
CA GLY B 152 -30.76 -15.21 0.59
C GLY B 152 -29.31 -15.63 0.73
N VAL B 153 -28.56 -14.93 1.58
CA VAL B 153 -27.14 -15.18 1.71
C VAL B 153 -26.87 -16.59 2.26
N GLU B 154 -27.46 -16.94 3.39
CA GLU B 154 -27.33 -18.30 3.91
C GLU B 154 -27.79 -19.36 2.92
N ASP B 155 -28.92 -19.10 2.29
CA ASP B 155 -29.49 -20.02 1.30
C ASP B 155 -28.48 -20.29 0.18
N ALA B 156 -27.79 -19.26 -0.29
CA ALA B 156 -26.83 -19.43 -1.37
C ALA B 156 -25.69 -20.36 -0.96
N PHE B 157 -25.10 -20.12 0.21
CA PHE B 157 -23.97 -20.94 0.64
C PHE B 157 -24.42 -22.34 1.07
N TYR B 158 -25.52 -22.43 1.81
CA TYR B 158 -26.00 -23.74 2.25
C TYR B 158 -26.37 -24.62 1.07
N THR B 159 -27.06 -24.04 0.08
CA THR B 159 -27.42 -24.78 -1.11
C THR B 159 -26.17 -25.32 -1.81
N LEU B 160 -25.12 -24.53 -1.88
CA LEU B 160 -23.90 -25.01 -2.52
C LEU B 160 -23.31 -26.19 -1.77
N VAL B 161 -23.34 -26.12 -0.44
CA VAL B 161 -22.83 -27.21 0.37
C VAL B 161 -23.68 -28.49 0.16
N ARG B 162 -24.98 -28.33 -0.04
CA ARG B 162 -25.82 -29.48 -0.38
C ARG B 162 -25.45 -30.05 -1.75
N GLU B 163 -25.15 -29.17 -2.70
CA GLU B 163 -24.69 -29.63 -4.00
C GLU B 163 -23.40 -30.45 -3.87
N ILE B 164 -22.53 -30.05 -2.96
CA ILE B 164 -21.29 -30.80 -2.75
C ILE B 164 -21.57 -32.15 -2.09
N ARG B 165 -22.37 -32.14 -1.04
CA ARG B 165 -22.68 -33.37 -0.31
C ARG B 165 -23.35 -34.41 -1.20
N GLN B 166 -24.12 -33.93 -2.17
CA GLN B 166 -24.92 -34.81 -3.01
C GLN B 166 -24.27 -35.08 -4.35
N HIS B 167 -23.03 -34.65 -4.52
CA HIS B 167 -22.34 -34.84 -5.79
C HIS B 167 -22.08 -36.32 -6.04
N GLN C 2 -5.42 25.16 32.90
CA GLN C 2 -5.90 24.91 31.55
C GLN C 2 -6.37 26.19 30.85
N MET C 3 -6.11 26.28 29.55
CA MET C 3 -6.44 27.48 28.76
C MET C 3 -7.92 27.61 28.50
N ARG C 4 -8.44 28.83 28.67
CA ARG C 4 -9.78 29.11 28.21
C ARG C 4 -9.78 29.20 26.69
N LEU C 5 -10.92 28.89 26.09
CA LEU C 5 -11.04 28.86 24.64
C LEU C 5 -11.98 29.96 24.18
N PRO C 6 -11.94 30.29 22.88
CA PRO C 6 -12.97 31.22 22.39
C PRO C 6 -14.34 30.58 22.50
N SER C 7 -15.39 31.42 22.53
CA SER C 7 -16.75 30.90 22.56
C SER C 7 -17.04 30.10 21.31
N ALA C 8 -17.77 29.02 21.46
CA ALA C 8 -18.13 28.16 20.33
C ALA C 8 -19.03 28.89 19.35
N ASP C 9 -19.57 30.02 19.77
CA ASP C 9 -20.41 30.84 18.90
C ASP C 9 -19.58 31.60 17.86
N VAL C 10 -18.37 32.00 18.22
CA VAL C 10 -17.51 32.70 17.26
C VAL C 10 -16.44 31.78 16.66
N TYR C 11 -16.22 30.63 17.27
CA TYR C 11 -15.22 29.70 16.76
C TYR C 11 -15.68 28.26 17.00
N ARG C 12 -16.22 27.65 15.95
CA ARG C 12 -16.88 26.35 16.03
C ARG C 12 -16.02 25.21 16.58
N PHE C 13 -14.71 25.34 16.44
CA PHE C 13 -13.82 24.25 16.81
C PHE C 13 -13.53 24.24 18.30
N ALA C 14 -14.28 25.05 19.06
CA ALA C 14 -14.12 25.09 20.50
C ALA C 14 -15.28 24.39 21.24
N GLU C 15 -16.26 23.90 20.49
CA GLU C 15 -17.27 23.00 21.04
C GLU C 15 -16.63 21.91 21.89
N PRO C 16 -17.18 21.65 23.08
CA PRO C 16 -16.70 20.53 23.89
C PRO C 16 -16.86 19.17 23.19
N ASP C 17 -15.90 18.28 23.42
CA ASP C 17 -16.06 16.88 23.03
C ASP C 17 -17.29 16.28 23.69
N SER C 18 -18.10 15.58 22.91
CA SER C 18 -19.18 14.79 23.49
C SER C 18 -19.42 13.58 22.59
N GLU C 19 -20.14 12.59 23.10
CA GLU C 19 -20.41 11.38 22.32
C GLU C 19 -21.35 11.69 21.16
N GLU C 20 -21.92 12.89 21.15
CA GLU C 20 -22.71 13.35 20.01
C GLU C 20 -21.86 13.92 18.87
N ASN C 21 -20.59 14.24 19.14
CA ASN C 21 -19.76 14.76 18.06
C ASN C 21 -18.43 14.01 17.90
N ILE C 22 -18.07 13.17 18.87
CA ILE C 22 -16.85 12.39 18.71
C ILE C 22 -16.83 11.12 19.57
N ILE C 23 -16.32 10.04 18.98
CA ILE C 23 -16.19 8.77 19.68
C ILE C 23 -14.80 8.21 19.52
N PHE C 24 -14.20 7.83 20.63
CA PHE C 24 -12.84 7.32 20.62
C PHE C 24 -12.83 5.81 20.67
N GLU C 25 -11.79 5.24 20.07
CA GLU C 25 -11.51 3.82 20.19
C GLU C 25 -11.10 3.57 21.65
N GLU C 26 -11.41 2.41 22.21
CA GLU C 26 -11.07 2.15 23.61
C GLU C 26 -9.57 2.17 23.86
N ASN C 27 -8.82 1.81 22.83
CA ASN C 27 -7.37 1.70 22.87
C ASN C 27 -6.63 3.01 22.58
N MET C 28 -5.78 3.44 23.51
CA MET C 28 -4.93 4.61 23.30
C MET C 28 -3.78 4.28 22.35
N GLN C 29 -2.92 5.27 22.11
CA GLN C 29 -1.78 5.19 21.17
C GLN C 29 -2.25 5.18 19.71
N GLY C 33 1.09 8.39 22.84
CA GLY C 33 0.00 8.08 23.74
C GLY C 33 -1.20 8.97 23.49
N ILE C 34 -1.65 9.01 22.23
CA ILE C 34 -2.73 9.89 21.82
C ILE C 34 -3.99 9.07 21.52
N PRO C 35 -5.18 9.69 21.66
CA PRO C 35 -6.45 9.00 21.39
C PRO C 35 -6.59 8.54 19.94
N ILE C 36 -7.32 7.45 19.75
CA ILE C 36 -7.63 6.96 18.42
C ILE C 36 -9.11 7.19 18.18
N ILE C 37 -9.42 7.89 17.11
CA ILE C 37 -10.78 8.31 16.84
C ILE C 37 -11.55 7.25 16.08
N LYS C 38 -12.68 6.84 16.65
CA LYS C 38 -13.54 5.88 15.99
C LYS C 38 -14.46 6.58 15.00
N ALA C 39 -15.04 7.71 15.42
CA ALA C 39 -15.99 8.42 14.61
C ALA C 39 -16.11 9.86 15.07
N GLY C 40 -16.55 10.75 14.18
CA GLY C 40 -16.81 12.11 14.58
C GLY C 40 -17.47 12.94 13.51
N THR C 41 -17.95 14.14 13.89
CA THR C 41 -18.37 15.12 12.88
C THR C 41 -17.13 15.58 12.12
N VAL C 42 -17.32 16.15 10.92
CA VAL C 42 -16.24 16.76 10.15
C VAL C 42 -15.52 17.81 10.96
N ILE C 43 -16.27 18.60 11.71
CA ILE C 43 -15.71 19.65 12.55
C ILE C 43 -14.70 19.07 13.54
N LYS C 44 -15.11 17.98 14.20
CA LYS C 44 -14.27 17.33 15.20
C LYS C 44 -13.07 16.62 14.56
N LEU C 45 -13.28 16.04 13.39
CA LEU C 45 -12.18 15.41 12.66
C LEU C 45 -11.13 16.47 12.33
N ILE C 46 -11.57 17.63 11.85
CA ILE C 46 -10.62 18.65 11.45
C ILE C 46 -9.94 19.27 12.69
N GLU C 47 -10.65 19.38 13.81
CA GLU C 47 -10.03 19.89 15.04
C GLU C 47 -8.88 18.98 15.51
N ARG C 48 -9.13 17.68 15.47
CA ARG C 48 -8.13 16.70 15.88
C ARG C 48 -7.00 16.55 14.85
N LEU C 49 -7.33 16.76 13.58
CA LEU C 49 -6.33 16.84 12.50
C LEU C 49 -5.29 17.94 12.76
N THR C 50 -5.68 18.95 13.52
CA THR C 50 -4.86 20.13 13.74
C THR C 50 -4.82 20.48 15.23
N TYR C 51 -4.74 19.45 16.06
CA TYR C 51 -4.92 19.59 17.49
C TYR C 51 -3.76 20.32 18.15
N HIS C 52 -4.05 21.13 19.15
CA HIS C 52 -3.01 21.97 19.74
C HIS C 52 -2.10 21.18 20.69
N MET C 53 -2.56 20.02 21.17
CA MET C 53 -1.84 19.30 22.21
C MET C 53 -0.72 18.42 21.68
N TYR C 54 -0.93 17.82 20.52
CA TYR C 54 0.01 16.84 19.99
C TYR C 54 0.02 16.85 18.48
N ALA C 55 1.07 16.29 17.91
CA ALA C 55 1.11 16.09 16.47
C ALA C 55 0.80 14.64 16.17
N ASP C 56 0.19 14.40 15.02
CA ASP C 56 -0.02 13.05 14.54
C ASP C 56 0.04 13.04 13.03
N PRO C 57 1.25 13.11 12.47
CA PRO C 57 1.44 13.21 11.02
C PRO C 57 0.78 12.06 10.27
N ASN C 58 0.66 10.92 10.93
CA ASN C 58 0.01 9.79 10.31
C ASN C 58 -1.49 10.00 10.14
N PHE C 59 -2.09 10.73 11.08
CA PHE C 59 -3.48 11.15 10.95
C PHE C 59 -3.64 12.06 9.72
N VAL C 60 -2.69 12.96 9.51
CA VAL C 60 -2.72 13.84 8.35
C VAL C 60 -2.73 13.04 7.02
N ARG C 61 -1.85 12.05 6.90
CA ARG C 61 -1.82 11.22 5.70
C ARG C 61 -3.15 10.47 5.56
N THR C 62 -3.60 9.86 6.65
CA THR C 62 -4.87 9.15 6.68
C THR C 62 -6.04 10.03 6.24
N PHE C 63 -6.14 11.22 6.82
CA PHE C 63 -7.24 12.14 6.50
C PHE C 63 -7.17 12.57 5.05
N LEU C 64 -6.01 13.06 4.62
CA LEU C 64 -5.83 13.54 3.26
C LEU C 64 -6.02 12.47 2.18
N THR C 65 -5.73 11.22 2.53
CA THR C 65 -5.89 10.10 1.60
C THR C 65 -7.37 9.75 1.39
N THR C 66 -8.18 9.90 2.43
CA THR C 66 -9.52 9.31 2.46
C THR C 66 -10.69 10.27 2.61
N TYR C 67 -10.43 11.56 2.78
CA TYR C 67 -11.48 12.48 3.21
C TYR C 67 -12.57 12.69 2.17
N ARG C 68 -12.24 12.48 0.90
CA ARG C 68 -13.16 12.81 -0.18
C ARG C 68 -14.47 12.02 -0.12
N SER C 69 -14.47 10.88 0.57
CA SER C 69 -15.71 10.12 0.78
C SER C 69 -16.68 10.73 1.79
N PHE C 70 -16.30 11.82 2.45
CA PHE C 70 -17.22 12.45 3.38
C PHE C 70 -17.15 13.97 3.37
N CYS C 71 -16.27 14.54 2.54
CA CYS C 71 -16.10 15.97 2.48
C CYS C 71 -15.50 16.35 1.14
N LYS C 72 -16.05 17.37 0.50
CA LYS C 72 -15.53 17.84 -0.77
C LYS C 72 -14.27 18.64 -0.55
N PRO C 73 -13.34 18.57 -1.51
CA PRO C 73 -12.10 19.34 -1.45
C PRO C 73 -12.33 20.83 -1.20
N GLN C 74 -13.25 21.46 -1.92
CA GLN C 74 -13.56 22.86 -1.69
C GLN C 74 -14.02 23.09 -0.26
N GLU C 75 -14.79 22.15 0.29
CA GLU C 75 -15.28 22.32 1.65
C GLU C 75 -14.16 22.12 2.67
N LEU C 76 -13.25 21.20 2.40
CA LEU C 76 -12.11 20.98 3.29
C LEU C 76 -11.26 22.25 3.41
N LEU C 77 -11.02 22.91 2.29
CA LEU C 77 -10.22 24.12 2.30
C LEU C 77 -10.90 25.22 3.13
N SER C 78 -12.21 25.37 2.94
CA SER C 78 -12.97 26.35 3.72
C SER C 78 -12.87 26.06 5.21
N LEU C 79 -12.95 24.79 5.58
CA LEU C 79 -12.95 24.41 6.98
C LEU C 79 -11.58 24.65 7.64
N ILE C 80 -10.49 24.38 6.93
CA ILE C 80 -9.19 24.56 7.57
C ILE C 80 -8.81 26.04 7.59
N ILE C 81 -9.30 26.82 6.62
CA ILE C 81 -9.13 28.28 6.70
C ILE C 81 -9.90 28.78 7.91
N GLU C 82 -11.09 28.24 8.10
CA GLU C 82 -11.89 28.59 9.25
C GLU C 82 -11.19 28.19 10.56
N ARG C 83 -10.58 27.00 10.58
CA ARG C 83 -9.81 26.55 11.73
C ARG C 83 -8.63 27.48 12.02
N PHE C 84 -8.01 28.00 10.96
CA PHE C 84 -6.81 28.82 11.07
C PHE C 84 -7.10 30.15 11.74
N GLU C 85 -8.31 30.67 11.53
CA GLU C 85 -8.63 32.03 11.91
C GLU C 85 -9.19 32.10 13.34
N ILE C 86 -8.27 32.06 14.30
CA ILE C 86 -8.61 31.96 15.71
C ILE C 86 -8.65 33.32 16.37
N PRO C 87 -9.77 33.63 17.05
CA PRO C 87 -9.84 34.90 17.77
C PRO C 87 -8.96 34.90 19.01
N GLU C 88 -8.27 36.00 19.26
CA GLU C 88 -7.50 36.18 20.49
C GLU C 88 -8.41 36.65 21.62
N PRO C 89 -8.10 36.28 22.86
CA PRO C 89 -8.88 36.73 24.01
C PRO C 89 -8.66 38.22 24.33
N GLU C 90 -9.61 38.81 25.04
CA GLU C 90 -9.48 40.20 25.47
C GLU C 90 -8.59 40.24 26.71
N PRO C 91 -8.03 41.41 27.02
CA PRO C 91 -7.21 41.53 28.23
C PRO C 91 -7.97 41.08 29.47
N THR C 92 -7.28 40.43 30.41
CA THR C 92 -7.90 40.04 31.66
C THR C 92 -7.97 41.21 32.64
N GLU C 93 -8.56 40.96 33.80
CA GLU C 93 -8.73 41.97 34.83
C GLU C 93 -7.38 42.60 35.24
N ALA C 94 -6.37 41.75 35.44
CA ALA C 94 -5.04 42.23 35.77
C ALA C 94 -4.45 43.11 34.68
N ASP C 95 -4.63 42.69 33.42
CA ASP C 95 -4.23 43.50 32.28
C ASP C 95 -4.95 44.84 32.27
N ARG C 96 -6.25 44.78 32.54
CA ARG C 96 -7.11 45.95 32.53
C ARG C 96 -6.62 46.99 33.53
N ILE C 97 -6.32 46.53 34.73
CA ILE C 97 -5.85 47.39 35.79
C ILE C 97 -4.49 48.01 35.46
N ALA C 98 -3.60 47.23 34.87
CA ALA C 98 -2.32 47.76 34.45
C ALA C 98 -2.50 48.86 33.38
N ILE C 99 -3.36 48.60 32.41
CA ILE C 99 -3.59 49.58 31.34
C ILE C 99 -4.15 50.88 31.90
N GLU C 100 -5.06 50.76 32.87
CA GLU C 100 -5.69 51.92 33.51
C GLU C 100 -4.71 52.76 34.32
N ASN C 101 -3.55 52.21 34.63
CA ASN C 101 -2.54 52.94 35.38
C ASN C 101 -1.38 53.35 34.50
N GLY C 102 -1.56 53.23 33.18
CA GLY C 102 -0.52 53.60 32.24
C GLY C 102 0.64 52.63 32.11
N ASP C 103 0.49 51.43 32.66
CA ASP C 103 1.57 50.44 32.60
C ASP C 103 1.38 49.44 31.46
N GLN C 104 2.46 48.77 31.11
CA GLN C 104 2.38 47.70 30.13
C GLN C 104 1.75 46.48 30.79
N PRO C 105 0.64 45.98 30.22
CA PRO C 105 0.04 44.76 30.76
C PRO C 105 0.97 43.56 30.64
N LEU C 106 0.89 42.61 31.57
CA LEU C 106 1.66 41.38 31.49
C LEU C 106 1.17 40.48 30.37
N SER C 107 -0.14 40.57 30.09
CA SER C 107 -0.81 39.79 29.06
C SER C 107 -0.46 38.30 29.12
N ALA C 108 -0.37 37.76 30.34
CA ALA C 108 0.10 36.39 30.53
C ALA C 108 -0.79 35.36 29.82
N GLU C 109 -2.10 35.56 29.90
CA GLU C 109 -3.04 34.63 29.33
C GLU C 109 -3.07 34.72 27.81
N LEU C 110 -3.01 35.94 27.29
CA LEU C 110 -2.95 36.15 25.85
C LEU C 110 -1.71 35.47 25.30
N LYS C 111 -0.56 35.69 25.93
CA LYS C 111 0.69 35.14 25.45
C LYS C 111 0.72 33.62 25.50
N ARG C 112 0.14 33.05 26.55
CA ARG C 112 0.07 31.60 26.65
C ARG C 112 -0.85 31.04 25.59
N PHE C 113 -1.98 31.69 25.36
CA PHE C 113 -2.91 31.25 24.34
C PHE C 113 -2.29 31.30 22.94
N ARG C 114 -1.55 32.37 22.65
CA ARG C 114 -0.82 32.47 21.38
C ARG C 114 0.21 31.36 21.22
N LYS C 115 0.96 31.10 22.28
CA LYS C 115 2.07 30.18 22.23
C LYS C 115 1.60 28.72 22.22
N GLU C 116 0.57 28.41 22.98
CA GLU C 116 0.14 27.04 23.18
C GLU C 116 -1.13 26.62 22.43
N TYR C 117 -1.91 27.57 21.92
CA TYR C 117 -3.08 27.21 21.14
C TYR C 117 -2.98 27.70 19.70
N ILE C 118 -2.85 29.01 19.51
CA ILE C 118 -2.94 29.59 18.19
C ILE C 118 -1.79 29.15 17.27
N GLN C 119 -0.56 29.25 17.73
CA GLN C 119 0.57 28.92 16.89
C GLN C 119 0.67 27.41 16.55
N PRO C 120 0.43 26.51 17.52
CA PRO C 120 0.40 25.11 17.12
C PRO C 120 -0.74 24.76 16.17
N VAL C 121 -1.94 25.29 16.38
CA VAL C 121 -3.04 25.00 15.48
C VAL C 121 -2.82 25.59 14.07
N GLN C 122 -2.33 26.82 14.01
CA GLN C 122 -2.06 27.44 12.72
C GLN C 122 -0.95 26.69 11.99
N LEU C 123 0.10 26.33 12.72
CA LEU C 123 1.19 25.57 12.13
C LEU C 123 0.70 24.26 11.58
N ARG C 124 -0.21 23.62 12.31
CA ARG C 124 -0.70 22.32 11.89
C ARG C 124 -1.69 22.44 10.73
N VAL C 125 -2.40 23.57 10.65
CA VAL C 125 -3.19 23.86 9.45
C VAL C 125 -2.27 24.01 8.24
N LEU C 126 -1.16 24.72 8.42
CA LEU C 126 -0.18 24.86 7.35
C LEU C 126 0.43 23.50 6.99
N ASN C 127 0.60 22.63 7.99
CA ASN C 127 1.13 21.31 7.71
C ASN C 127 0.17 20.48 6.86
N VAL C 128 -1.14 20.63 7.10
CA VAL C 128 -2.13 19.98 6.27
C VAL C 128 -2.06 20.53 4.83
N CYS C 129 -1.90 21.83 4.68
CA CYS C 129 -1.79 22.43 3.37
C CYS C 129 -0.55 21.92 2.62
N ARG C 130 0.55 21.83 3.37
CA ARG C 130 1.81 21.35 2.83
C ARG C 130 1.69 19.90 2.34
N HIS C 131 1.13 19.05 3.18
CA HIS C 131 0.95 17.63 2.83
C HIS C 131 -0.02 17.49 1.67
N TRP C 132 -1.08 18.30 1.71
CA TRP C 132 -2.11 18.28 0.69
C TRP C 132 -1.47 18.55 -0.67
N VAL C 133 -0.64 19.57 -0.73
CA VAL C 133 -0.02 19.98 -1.98
C VAL C 133 1.07 19.01 -2.43
N GLU C 134 1.92 18.59 -1.51
CA GLU C 134 3.02 17.71 -1.86
C GLU C 134 2.59 16.29 -2.22
N HIS C 135 1.57 15.77 -1.55
CA HIS C 135 1.29 14.34 -1.68
C HIS C 135 -0.10 14.03 -2.21
N HIS C 136 -0.94 15.04 -2.35
CA HIS C 136 -2.30 14.82 -2.83
C HIS C 136 -2.67 15.89 -3.82
N PHE C 137 -1.72 16.22 -4.68
CA PHE C 137 -1.83 17.38 -5.55
C PHE C 137 -2.92 17.22 -6.60
N TYR C 138 -3.39 16.01 -6.81
CA TYR C 138 -4.39 15.79 -7.86
C TYR C 138 -5.68 16.56 -7.63
N ASP C 139 -6.04 16.83 -6.38
CA ASP C 139 -7.21 17.66 -6.09
C ASP C 139 -7.06 19.01 -6.80
N PHE C 140 -5.85 19.52 -6.82
CA PHE C 140 -5.56 20.81 -7.44
C PHE C 140 -5.41 20.66 -8.97
N GLU C 141 -4.79 19.57 -9.42
CA GLU C 141 -4.70 19.26 -10.84
C GLU C 141 -6.08 19.18 -11.49
N ARG C 142 -7.06 18.69 -10.73
CA ARG C 142 -8.40 18.45 -11.28
C ARG C 142 -9.36 19.62 -11.03
N ASP C 143 -8.89 20.62 -10.32
CA ASP C 143 -9.73 21.76 -9.97
C ASP C 143 -8.84 22.99 -9.75
N ALA C 144 -8.71 23.80 -10.79
CA ALA C 144 -7.79 24.93 -10.78
C ALA C 144 -8.25 26.03 -9.81
N TYR C 145 -9.56 26.15 -9.62
CA TYR C 145 -10.11 27.13 -8.69
C TYR C 145 -9.72 26.81 -7.24
N LEU C 146 -9.70 25.52 -6.89
CA LEU C 146 -9.26 25.09 -5.56
C LEU C 146 -7.82 25.51 -5.33
N LEU C 147 -7.01 25.39 -6.39
CA LEU C 147 -5.61 25.75 -6.30
C LEU C 147 -5.45 27.26 -6.11
N GLN C 148 -6.28 28.02 -6.81
CA GLN C 148 -6.27 29.47 -6.71
C GLN C 148 -6.58 29.90 -5.30
N ARG C 149 -7.60 29.27 -4.70
CA ARG C 149 -7.95 29.53 -3.31
C ARG C 149 -6.80 29.20 -2.36
N MET C 150 -6.13 28.07 -2.60
CA MET C 150 -5.02 27.67 -1.74
C MET C 150 -3.90 28.69 -1.81
N GLU C 151 -3.53 29.07 -3.04
CA GLU C 151 -2.49 30.06 -3.28
C GLU C 151 -2.80 31.39 -2.60
N GLU C 152 -4.06 31.81 -2.68
CA GLU C 152 -4.51 33.05 -2.07
C GLU C 152 -4.41 32.99 -0.57
N PHE C 153 -4.96 31.93 0.01
CA PHE C 153 -4.89 31.72 1.45
C PHE C 153 -3.44 31.78 1.95
N ILE C 154 -2.59 30.95 1.37
CA ILE C 154 -1.21 30.87 1.80
C ILE C 154 -0.52 32.21 1.60
N GLY C 155 -0.75 32.79 0.42
CA GLY C 155 -0.11 34.03 0.03
C GLY C 155 -0.52 35.26 0.82
N THR C 156 -1.61 35.18 1.57
CA THR C 156 -2.07 36.32 2.35
C THR C 156 -2.00 36.09 3.87
N VAL C 157 -1.36 35.01 4.30
CA VAL C 157 -1.14 34.79 5.72
C VAL C 157 -0.09 35.77 6.23
N ARG C 158 -0.41 36.48 7.31
CA ARG C 158 0.49 37.51 7.83
C ARG C 158 1.12 37.07 9.15
N GLY C 159 2.06 37.84 9.65
CA GLY C 159 2.65 37.54 10.94
C GLY C 159 3.98 36.87 10.80
N LYS C 160 4.92 37.25 11.65
CA LYS C 160 6.28 36.80 11.49
C LYS C 160 6.41 35.32 11.88
N ALA C 161 5.50 34.81 12.71
CA ALA C 161 5.61 33.46 13.24
C ALA C 161 5.43 32.37 12.17
N MET C 162 4.51 32.57 11.24
CA MET C 162 4.25 31.60 10.17
C MET C 162 5.05 31.87 8.90
N LYS C 163 5.73 33.01 8.86
CA LYS C 163 6.35 33.49 7.62
C LYS C 163 7.25 32.49 6.88
N LYS C 164 8.10 31.77 7.62
CA LYS C 164 9.01 30.82 6.97
C LYS C 164 8.26 29.71 6.22
N TRP C 165 7.17 29.22 6.82
CA TRP C 165 6.44 28.12 6.22
C TRP C 165 5.53 28.58 5.10
N VAL C 166 4.96 29.77 5.26
CA VAL C 166 4.14 30.39 4.23
C VAL C 166 4.93 30.65 2.96
N GLU C 167 6.13 31.17 3.11
CA GLU C 167 6.99 31.44 1.96
C GLU C 167 7.41 30.12 1.32
N SER C 168 7.73 29.14 2.17
CA SER C 168 8.08 27.81 1.69
C SER C 168 6.94 27.16 0.91
N ILE C 169 5.74 27.16 1.47
CA ILE C 169 4.61 26.48 0.84
C ILE C 169 4.23 27.13 -0.49
N THR C 170 4.32 28.46 -0.55
CA THR C 170 4.15 29.18 -1.80
C THR C 170 5.11 28.69 -2.87
N LYS C 171 6.39 28.55 -2.52
CA LYS C 171 7.37 28.00 -3.46
C LYS C 171 7.06 26.55 -3.84
N ILE C 172 6.63 25.76 -2.87
CA ILE C 172 6.36 24.36 -3.12
C ILE C 172 5.20 24.20 -4.10
N ILE C 173 4.16 25.01 -3.92
CA ILE C 173 3.05 25.01 -4.85
C ILE C 173 3.49 25.37 -6.27
N GLN C 174 4.28 26.43 -6.40
CA GLN C 174 4.77 26.83 -7.72
C GLN C 174 5.56 25.72 -8.40
N ARG C 175 6.47 25.07 -7.66
CA ARG C 175 7.24 23.93 -8.19
C ARG C 175 6.35 22.79 -8.64
N LYS C 176 5.36 22.45 -7.81
CA LYS C 176 4.43 21.36 -8.14
C LYS C 176 3.66 21.63 -9.43
N LYS C 177 3.47 22.90 -9.75
CA LYS C 177 2.72 23.26 -10.94
C LYS C 177 3.49 22.99 -12.24
N ILE C 178 4.78 23.26 -12.25
CA ILE C 178 5.55 23.07 -13.48
C ILE C 178 6.22 21.70 -13.53
N ALA C 179 5.85 20.84 -12.60
CA ALA C 179 6.39 19.50 -12.54
C ALA C 179 5.42 18.49 -13.13
N ASN C 187 19.43 11.70 -9.13
CA ASN C 187 18.18 11.50 -8.41
C ASN C 187 18.23 10.30 -7.46
N ILE C 188 18.94 9.23 -7.84
CA ILE C 188 19.10 8.07 -6.95
C ILE C 188 20.56 7.77 -6.64
N THR C 189 20.88 7.62 -5.36
CA THR C 189 22.23 7.26 -4.93
C THR C 189 22.29 5.91 -4.26
N PHE C 190 23.32 5.16 -4.57
CA PHE C 190 23.64 3.87 -3.99
C PHE C 190 25.13 4.07 -3.83
N GLN C 191 25.89 3.43 -2.96
CA GLN C 191 25.62 2.38 -2.00
C GLN C 191 26.52 1.23 -2.49
N SER C 192 26.66 1.16 -3.81
CA SER C 192 27.43 0.20 -4.55
C SER C 192 26.89 0.30 -5.95
N SER C 193 27.66 -0.13 -6.92
CA SER C 193 27.18 -0.06 -8.29
C SER C 193 26.40 -1.33 -8.63
N PRO C 194 25.46 -1.23 -9.58
CA PRO C 194 24.67 -2.39 -10.03
C PRO C 194 25.52 -3.45 -10.72
N PRO C 195 25.12 -4.72 -10.61
CA PRO C 195 25.86 -5.80 -11.27
C PRO C 195 25.89 -5.62 -12.79
N THR C 196 26.85 -6.25 -13.46
CA THR C 196 26.95 -6.21 -14.91
C THR C 196 25.76 -6.91 -15.57
N VAL C 197 25.26 -6.32 -16.65
CA VAL C 197 24.20 -6.88 -17.46
C VAL C 197 24.66 -8.19 -18.09
N GLU C 198 23.85 -9.23 -17.97
CA GLU C 198 24.22 -10.56 -18.47
C GLU C 198 23.60 -10.85 -19.83
N TRP C 199 24.39 -11.44 -20.71
CA TRP C 199 23.95 -11.81 -22.06
C TRP C 199 24.16 -13.29 -22.33
N HIS C 200 23.29 -13.86 -23.16
CA HIS C 200 23.29 -15.26 -23.49
C HIS C 200 23.46 -15.43 -25.01
N ILE C 201 22.48 -16.00 -25.70
CA ILE C 201 22.56 -16.22 -27.14
C ILE C 201 22.36 -14.91 -27.90
N SER C 202 21.29 -14.19 -27.57
CA SER C 202 21.11 -12.85 -28.13
C SER C 202 22.19 -11.93 -27.60
N ARG C 203 22.88 -11.23 -28.49
CA ARG C 203 23.94 -10.31 -28.11
C ARG C 203 23.38 -8.89 -28.08
N PRO C 204 24.09 -7.94 -27.45
CA PRO C 204 23.58 -6.56 -27.36
C PRO C 204 23.23 -5.98 -28.73
N GLY C 205 22.09 -5.30 -28.82
CA GLY C 205 21.67 -4.66 -30.05
C GLY C 205 20.85 -5.54 -30.98
N HIS C 206 20.84 -6.84 -30.75
CA HIS C 206 20.18 -7.76 -31.66
C HIS C 206 18.77 -8.10 -31.22
N ILE C 207 17.95 -7.07 -31.05
CA ILE C 207 16.61 -7.19 -30.51
C ILE C 207 15.72 -8.18 -31.26
N GLU C 208 16.03 -8.41 -32.53
CA GLU C 208 15.24 -9.29 -33.38
C GLU C 208 15.36 -10.75 -32.96
N THR C 209 16.43 -11.10 -32.27
CA THR C 209 16.62 -12.47 -31.82
C THR C 209 16.12 -12.69 -30.39
N PHE C 210 15.82 -11.60 -29.68
CA PHE C 210 15.36 -11.66 -28.29
C PHE C 210 14.18 -12.61 -28.18
N ASP C 211 14.22 -13.48 -27.18
CA ASP C 211 13.15 -14.44 -26.93
C ASP C 211 13.40 -15.07 -25.55
N LEU C 212 12.46 -15.89 -25.10
CA LEU C 212 12.54 -16.51 -23.79
C LEU C 212 13.85 -17.27 -23.55
N LEU C 213 14.30 -18.03 -24.54
CA LEU C 213 15.47 -18.88 -24.37
C LEU C 213 16.76 -18.23 -24.84
N THR C 214 16.66 -17.13 -25.56
CA THR C 214 17.87 -16.53 -26.15
C THR C 214 18.42 -15.39 -25.29
N LEU C 215 17.54 -14.72 -24.55
CA LEU C 215 17.99 -13.79 -23.53
C LEU C 215 18.52 -14.58 -22.33
N HIS C 216 19.36 -13.94 -21.52
CA HIS C 216 19.87 -14.58 -20.32
C HIS C 216 18.77 -14.59 -19.28
N PRO C 217 18.50 -15.76 -18.67
CA PRO C 217 17.39 -15.85 -17.72
C PRO C 217 17.57 -14.90 -16.55
N ILE C 218 18.81 -14.67 -16.15
CA ILE C 218 19.09 -13.70 -15.07
C ILE C 218 18.64 -12.29 -15.48
N GLU C 219 19.02 -11.90 -16.70
CA GLU C 219 18.72 -10.56 -17.17
C GLU C 219 17.23 -10.40 -17.48
N ILE C 220 16.56 -11.50 -17.85
CA ILE C 220 15.10 -11.47 -18.02
C ILE C 220 14.44 -11.10 -16.69
N ALA C 221 14.82 -11.81 -15.63
CA ALA C 221 14.26 -11.55 -14.32
C ALA C 221 14.56 -10.12 -13.83
N ARG C 222 15.79 -9.67 -14.03
CA ARG C 222 16.19 -8.31 -13.62
C ARG C 222 15.42 -7.19 -14.32
N GLN C 223 15.23 -7.34 -15.63
CA GLN C 223 14.63 -6.28 -16.42
C GLN C 223 13.11 -6.27 -16.21
N LEU C 224 12.54 -7.45 -16.01
CA LEU C 224 11.14 -7.53 -15.64
C LEU C 224 10.91 -6.97 -14.23
N THR C 225 11.90 -7.15 -13.35
CA THR C 225 11.77 -6.68 -11.98
C THR C 225 11.84 -5.16 -11.95
N LEU C 226 12.73 -4.59 -12.75
CA LEU C 226 12.80 -3.14 -12.94
C LEU C 226 11.49 -2.59 -13.49
N LEU C 227 10.99 -3.25 -14.53
CA LEU C 227 9.74 -2.84 -15.17
C LEU C 227 8.59 -2.95 -14.18
N GLU C 228 8.50 -4.09 -13.51
CA GLU C 228 7.40 -4.33 -12.59
C GLU C 228 7.48 -3.45 -11.34
N SER C 229 8.70 -3.12 -10.92
CA SER C 229 8.91 -2.20 -9.81
C SER C 229 8.45 -0.79 -10.16
N ASP C 230 8.84 -0.29 -11.33
CA ASP C 230 8.38 1.00 -11.80
C ASP C 230 6.86 1.06 -11.88
N LEU C 231 6.24 -0.01 -12.38
CA LEU C 231 4.78 -0.08 -12.47
C LEU C 231 4.15 -0.07 -11.08
N TYR C 232 4.72 -0.84 -10.17
CA TYR C 232 4.26 -0.86 -8.78
C TYR C 232 4.38 0.54 -8.15
N ARG C 233 5.53 1.17 -8.35
CA ARG C 233 5.84 2.44 -7.71
C ARG C 233 4.98 3.61 -8.25
N ALA C 234 4.37 3.43 -9.42
CA ALA C 234 3.61 4.52 -10.04
C ALA C 234 2.15 4.62 -9.56
N VAL C 235 1.67 3.62 -8.82
CA VAL C 235 0.27 3.60 -8.43
C VAL C 235 0.03 4.56 -7.25
N GLN C 236 -0.88 5.52 -7.44
CA GLN C 236 -1.25 6.49 -6.41
C GLN C 236 -2.46 6.04 -5.63
N PRO C 237 -2.56 6.47 -4.35
CA PRO C 237 -3.75 6.16 -3.54
C PRO C 237 -5.06 6.62 -4.19
N SER C 238 -5.02 7.67 -5.00
CA SER C 238 -6.22 8.14 -5.68
C SER C 238 -6.78 7.10 -6.67
N GLU C 239 -5.96 6.13 -7.06
CA GLU C 239 -6.43 5.07 -7.94
C GLU C 239 -7.11 3.95 -7.16
N LEU C 240 -7.08 4.06 -5.83
CA LEU C 240 -7.52 2.97 -4.95
C LEU C 240 -8.72 3.33 -4.07
N VAL C 241 -8.67 4.49 -3.43
CA VAL C 241 -9.74 4.88 -2.51
C VAL C 241 -11.05 5.00 -3.30
N GLY C 242 -12.16 4.63 -2.67
CA GLY C 242 -13.44 4.59 -3.35
C GLY C 242 -13.61 3.39 -4.26
N SER C 243 -12.63 2.49 -4.27
CA SER C 243 -12.67 1.29 -5.12
C SER C 243 -12.82 1.61 -6.59
N VAL C 244 -12.24 2.73 -7.03
CA VAL C 244 -12.52 3.26 -8.35
C VAL C 244 -11.97 2.42 -9.49
N TRP C 245 -11.02 1.53 -9.18
CA TRP C 245 -10.43 0.64 -10.20
C TRP C 245 -11.40 -0.48 -10.67
N THR C 246 -12.48 -0.64 -9.88
CA THR C 246 -13.56 -1.59 -10.17
C THR C 246 -14.78 -0.94 -10.82
N LYS C 247 -14.80 0.38 -10.92
CA LYS C 247 -16.00 1.06 -11.42
C LYS C 247 -15.92 1.44 -12.89
N GLU C 248 -16.99 2.02 -13.41
CA GLU C 248 -17.14 2.37 -14.83
C GLU C 248 -16.00 3.21 -15.40
N ASP C 249 -15.49 4.13 -14.58
CA ASP C 249 -14.47 5.06 -15.01
C ASP C 249 -13.08 4.63 -14.58
N LYS C 250 -12.89 3.31 -14.43
CA LYS C 250 -11.61 2.79 -13.97
C LYS C 250 -10.42 3.20 -14.86
N GLU C 251 -10.61 3.27 -16.17
CA GLU C 251 -9.51 3.66 -17.05
C GLU C 251 -9.14 5.12 -16.84
N ILE C 252 -10.08 5.90 -16.34
CA ILE C 252 -9.82 7.31 -16.07
C ILE C 252 -9.20 7.47 -14.70
N ASN C 253 -9.72 6.76 -13.71
CA ASN C 253 -9.28 6.98 -12.35
C ASN C 253 -8.12 6.11 -11.92
N SER C 254 -7.90 4.99 -12.61
CA SER C 254 -6.85 4.07 -12.18
C SER C 254 -5.90 3.61 -13.31
N PRO C 255 -5.37 4.54 -14.11
CA PRO C 255 -4.61 4.09 -15.29
C PRO C 255 -3.29 3.38 -14.93
N ASN C 256 -2.64 3.82 -13.86
CA ASN C 256 -1.37 3.22 -13.46
C ASN C 256 -1.54 1.81 -12.88
N LEU C 257 -2.53 1.65 -12.01
CA LEU C 257 -2.88 0.32 -11.50
C LEU C 257 -3.19 -0.65 -12.64
N LEU C 258 -3.99 -0.19 -13.59
CA LEU C 258 -4.44 -1.10 -14.65
C LEU C 258 -3.29 -1.43 -15.62
N LYS C 259 -2.41 -0.49 -15.91
CA LYS C 259 -1.19 -0.79 -16.69
C LYS C 259 -0.36 -1.87 -16.01
N MET C 260 -0.24 -1.75 -14.69
CA MET C 260 0.54 -2.70 -13.90
C MET C 260 -0.09 -4.08 -13.96
N ILE C 261 -1.40 -4.15 -13.74
CA ILE C 261 -2.08 -5.44 -13.77
C ILE C 261 -2.04 -6.08 -15.15
N ARG C 262 -2.18 -5.25 -16.19
CA ARG C 262 -2.16 -5.75 -17.55
C ARG C 262 -0.77 -6.28 -17.95
N HIS C 263 0.28 -5.64 -17.45
CA HIS C 263 1.62 -6.18 -17.65
C HIS C 263 1.71 -7.60 -17.06
N THR C 264 1.23 -7.74 -15.84
CA THR C 264 1.30 -9.01 -15.13
C THR C 264 0.53 -10.10 -15.91
N THR C 265 -0.66 -9.72 -16.36
CA THR C 265 -1.50 -10.63 -17.10
C THR C 265 -0.83 -11.04 -18.42
N ASN C 266 -0.28 -10.07 -19.14
CA ASN C 266 0.41 -10.37 -20.39
C ASN C 266 1.65 -11.26 -20.25
N LEU C 267 2.39 -11.12 -19.15
CA LEU C 267 3.58 -11.94 -18.92
C LEU C 267 3.17 -13.36 -18.63
N THR C 268 2.15 -13.52 -17.81
CA THR C 268 1.60 -14.82 -17.50
C THR C 268 1.17 -15.51 -18.79
N LEU C 269 0.38 -14.81 -19.61
CA LEU C 269 -0.09 -15.37 -20.87
C LEU C 269 1.08 -15.66 -21.82
N TRP C 270 2.12 -14.85 -21.79
CA TRP C 270 3.30 -15.11 -22.60
C TRP C 270 4.03 -16.41 -22.18
N PHE C 271 4.16 -16.62 -20.88
CA PHE C 271 4.76 -17.86 -20.38
C PHE C 271 3.94 -19.05 -20.86
N GLU C 272 2.63 -18.99 -20.68
CA GLU C 272 1.75 -20.07 -21.14
C GLU C 272 1.91 -20.33 -22.65
N LYS C 273 1.98 -19.26 -23.42
CA LYS C 273 2.10 -19.37 -24.86
C LYS C 273 3.44 -19.98 -25.28
N CYS C 274 4.52 -19.51 -24.67
CA CYS C 274 5.84 -20.08 -24.92
C CYS C 274 5.83 -21.59 -24.68
N ILE C 275 5.12 -22.03 -23.64
CA ILE C 275 5.08 -23.43 -23.26
C ILE C 275 4.25 -24.27 -24.25
N VAL C 276 2.98 -23.92 -24.47
CA VAL C 276 2.13 -24.77 -25.30
C VAL C 276 2.42 -24.64 -26.80
N GLU C 277 3.10 -23.58 -27.24
CA GLU C 277 3.51 -23.51 -28.64
C GLU C 277 4.82 -24.22 -28.90
N THR C 278 5.42 -24.81 -27.87
CA THR C 278 6.59 -25.66 -28.04
C THR C 278 6.10 -27.11 -28.02
N GLU C 279 5.79 -27.65 -29.20
CA GLU C 279 5.12 -28.96 -29.29
C GLU C 279 6.03 -30.13 -28.92
N ASN C 280 7.29 -30.04 -29.32
CA ASN C 280 8.29 -31.04 -28.95
C ASN C 280 8.50 -31.13 -27.42
N LEU C 281 8.35 -32.32 -26.85
CA LEU C 281 8.38 -32.53 -25.40
C LEU C 281 9.70 -32.08 -24.77
N GLU C 282 10.80 -32.52 -25.34
CA GLU C 282 12.13 -32.18 -24.84
C GLU C 282 12.37 -30.66 -24.84
N GLU C 283 12.05 -29.99 -25.94
CA GLU C 283 12.18 -28.54 -26.01
C GLU C 283 11.26 -27.85 -25.00
N ARG C 284 10.04 -28.39 -24.83
CA ARG C 284 9.07 -27.80 -23.92
C ARG C 284 9.56 -27.90 -22.48
N VAL C 285 10.21 -29.02 -22.16
CA VAL C 285 10.80 -29.22 -20.85
C VAL C 285 11.85 -28.14 -20.61
N ALA C 286 12.65 -27.85 -21.63
CA ALA C 286 13.64 -26.79 -21.54
C ALA C 286 12.99 -25.41 -21.31
N VAL C 287 11.87 -25.18 -21.96
CA VAL C 287 11.13 -23.91 -21.83
C VAL C 287 10.58 -23.73 -20.40
N VAL C 288 9.93 -24.76 -19.88
CA VAL C 288 9.39 -24.73 -18.52
C VAL C 288 10.51 -24.56 -17.49
N SER C 289 11.59 -25.32 -17.67
CA SER C 289 12.73 -25.26 -16.78
C SER C 289 13.36 -23.85 -16.79
N ARG C 290 13.38 -23.20 -17.95
CA ARG C 290 13.90 -21.85 -18.02
C ARG C 290 13.01 -20.88 -17.26
N ILE C 291 11.70 -21.09 -17.35
CA ILE C 291 10.74 -20.24 -16.66
C ILE C 291 10.87 -20.39 -15.14
N ILE C 292 11.13 -21.60 -14.68
CA ILE C 292 11.31 -21.84 -13.25
C ILE C 292 12.62 -21.21 -12.76
N GLU C 293 13.63 -21.16 -13.62
CA GLU C 293 14.87 -20.48 -13.28
C GLU C 293 14.62 -18.98 -13.15
N ILE C 294 13.81 -18.42 -14.04
CA ILE C 294 13.45 -17.02 -13.97
C ILE C 294 12.69 -16.77 -12.66
N LEU C 295 11.81 -17.70 -12.28
CA LEU C 295 11.14 -17.62 -10.99
C LEU C 295 12.14 -17.55 -9.83
N GLN C 296 13.17 -18.40 -9.90
CA GLN C 296 14.20 -18.44 -8.88
C GLN C 296 14.87 -17.07 -8.72
N VAL C 297 15.19 -16.40 -9.81
CA VAL C 297 15.80 -15.09 -9.73
C VAL C 297 14.78 -14.05 -9.21
N PHE C 298 13.51 -14.17 -9.59
CA PHE C 298 12.45 -13.33 -9.02
C PHE C 298 12.43 -13.43 -7.48
N GLN C 299 12.48 -14.65 -6.95
CA GLN C 299 12.50 -14.86 -5.50
C GLN C 299 13.73 -14.19 -4.89
N GLU C 300 14.88 -14.32 -5.53
CA GLU C 300 16.11 -13.71 -5.03
C GLU C 300 16.01 -12.20 -4.99
N LEU C 301 15.27 -11.63 -5.93
CA LEU C 301 15.11 -10.18 -6.02
C LEU C 301 13.93 -9.65 -5.21
N ASN C 302 13.23 -10.55 -4.52
CA ASN C 302 11.98 -10.23 -3.82
C ASN C 302 10.93 -9.63 -4.74
N ASN C 303 10.92 -10.06 -6.00
CA ASN C 303 9.86 -9.62 -6.90
C ASN C 303 8.71 -10.62 -6.79
N PHE C 304 7.80 -10.34 -5.89
CA PHE C 304 6.71 -11.25 -5.61
C PHE C 304 5.66 -11.21 -6.70
N ASN C 305 5.47 -10.06 -7.34
CA ASN C 305 4.60 -10.02 -8.50
C ASN C 305 5.11 -10.96 -9.59
N GLY C 306 6.43 -10.96 -9.82
CA GLY C 306 7.05 -11.81 -10.83
C GLY C 306 6.92 -13.28 -10.46
N VAL C 307 7.16 -13.60 -9.20
CA VAL C 307 6.93 -14.94 -8.68
C VAL C 307 5.51 -15.44 -8.98
N LEU C 308 4.51 -14.62 -8.69
CA LEU C 308 3.14 -15.06 -8.91
C LEU C 308 2.77 -15.12 -10.40
N GLU C 309 3.38 -14.27 -11.22
CA GLU C 309 3.24 -14.36 -12.68
C GLU C 309 3.58 -15.76 -13.17
N VAL C 310 4.66 -16.33 -12.66
CA VAL C 310 5.08 -17.65 -13.07
C VAL C 310 4.14 -18.69 -12.50
N VAL C 311 3.86 -18.58 -11.20
CA VAL C 311 2.97 -19.52 -10.53
C VAL C 311 1.60 -19.57 -11.22
N SER C 312 1.02 -18.41 -11.48
CA SER C 312 -0.25 -18.35 -12.18
C SER C 312 -0.19 -19.06 -13.53
N ALA C 313 0.90 -18.86 -14.27
CA ALA C 313 1.06 -19.52 -15.56
C ALA C 313 1.15 -21.04 -15.42
N MET C 314 1.91 -21.50 -14.41
CA MET C 314 2.09 -22.95 -14.20
C MET C 314 0.83 -23.62 -13.69
N ASN C 315 -0.06 -22.86 -13.06
CA ASN C 315 -1.32 -23.41 -12.57
C ASN C 315 -2.50 -23.20 -13.50
N SER C 316 -2.26 -22.55 -14.63
CA SER C 316 -3.31 -22.34 -15.61
C SER C 316 -3.73 -23.67 -16.23
N SER C 317 -4.95 -23.70 -16.72
CA SER C 317 -5.51 -24.92 -17.32
C SER C 317 -4.66 -25.51 -18.45
N PRO C 318 -4.16 -24.66 -19.37
CA PRO C 318 -3.32 -25.23 -20.43
C PRO C 318 -2.03 -25.87 -19.93
N VAL C 319 -1.42 -25.30 -18.90
CA VAL C 319 -0.09 -25.74 -18.48
C VAL C 319 -0.15 -26.80 -17.38
N TYR C 320 -1.06 -26.62 -16.43
CA TYR C 320 -1.12 -27.48 -15.25
C TYR C 320 -1.30 -28.96 -15.61
N ARG C 321 -1.98 -29.22 -16.71
CA ARG C 321 -2.33 -30.58 -17.12
C ARG C 321 -1.21 -31.30 -17.90
N LEU C 322 -0.10 -30.62 -18.13
CA LEU C 322 0.98 -31.18 -18.95
C LEU C 322 1.87 -32.14 -18.17
N ASP C 323 1.29 -33.28 -17.78
CA ASP C 323 1.94 -34.24 -16.90
C ASP C 323 3.25 -34.79 -17.43
N HIS C 324 3.35 -34.96 -18.74
CA HIS C 324 4.58 -35.50 -19.34
C HIS C 324 5.73 -34.51 -19.24
N THR C 325 5.41 -33.23 -19.23
CA THR C 325 6.41 -32.17 -19.12
C THR C 325 6.91 -32.08 -17.69
N PHE C 326 5.96 -32.00 -16.76
CA PHE C 326 6.21 -31.98 -15.32
C PHE C 326 7.08 -33.16 -14.89
N GLU C 327 6.77 -34.35 -15.39
CA GLU C 327 7.58 -35.55 -15.14
C GLU C 327 9.08 -35.36 -15.37
N GLN C 328 9.44 -34.63 -16.42
CA GLN C 328 10.85 -34.52 -16.80
C GLN C 328 11.54 -33.31 -16.19
N ILE C 329 10.79 -32.49 -15.46
CA ILE C 329 11.40 -31.37 -14.78
C ILE C 329 12.20 -31.89 -13.59
N PRO C 330 13.46 -31.44 -13.46
CA PRO C 330 14.29 -31.89 -12.34
C PRO C 330 13.59 -31.67 -11.01
N SER C 331 13.75 -32.64 -10.13
CA SER C 331 13.09 -32.62 -8.83
C SER C 331 13.37 -31.32 -8.06
N ARG C 332 14.56 -30.76 -8.20
CA ARG C 332 14.89 -29.55 -7.47
C ARG C 332 14.10 -28.33 -7.99
N GLN C 333 13.73 -28.34 -9.27
CA GLN C 333 12.91 -27.26 -9.81
C GLN C 333 11.45 -27.45 -9.44
N LYS C 334 11.00 -28.70 -9.35
CA LYS C 334 9.66 -28.97 -8.85
C LYS C 334 9.48 -28.36 -7.45
N LYS C 335 10.49 -28.50 -6.61
CA LYS C 335 10.43 -27.99 -5.24
C LYS C 335 10.41 -26.46 -5.22
N ILE C 336 11.19 -25.85 -6.09
CA ILE C 336 11.19 -24.41 -6.25
C ILE C 336 9.79 -23.93 -6.65
N LEU C 337 9.20 -24.58 -7.65
CA LEU C 337 7.86 -24.20 -8.10
C LEU C 337 6.82 -24.43 -7.01
N GLU C 338 6.90 -25.57 -6.34
CA GLU C 338 5.91 -25.90 -5.32
C GLU C 338 6.00 -24.95 -4.12
N GLU C 339 7.22 -24.59 -3.76
CA GLU C 339 7.42 -23.65 -2.66
C GLU C 339 6.84 -22.28 -2.98
N ALA C 340 7.01 -21.82 -4.22
CA ALA C 340 6.42 -20.56 -4.67
C ALA C 340 4.90 -20.65 -4.67
N HIS C 341 4.37 -21.80 -5.08
CA HIS C 341 2.93 -21.98 -5.10
C HIS C 341 2.37 -21.92 -3.68
N GLU C 342 3.11 -22.46 -2.74
CA GLU C 342 2.62 -22.53 -1.36
C GLU C 342 2.52 -21.16 -0.71
N LEU C 343 3.19 -20.16 -1.28
CA LEU C 343 3.06 -18.78 -0.82
C LEU C 343 1.60 -18.32 -0.90
N SER C 344 0.89 -18.80 -1.91
CA SER C 344 -0.47 -18.33 -2.16
C SER C 344 -1.54 -19.15 -1.44
N GLU C 345 -1.15 -20.29 -0.87
CA GLU C 345 -2.09 -21.19 -0.20
C GLU C 345 -2.61 -20.57 1.09
N ASP C 346 -3.80 -21.01 1.50
CA ASP C 346 -4.49 -20.50 2.68
C ASP C 346 -4.50 -19.00 2.69
N HIS C 347 -5.03 -18.42 1.61
CA HIS C 347 -5.19 -16.98 1.52
C HIS C 347 -3.86 -16.25 1.74
N TYR C 348 -2.84 -16.71 1.02
CA TYR C 348 -1.54 -16.04 0.99
C TYR C 348 -0.88 -15.95 2.35
N LYS C 349 -1.14 -16.93 3.21
CA LYS C 349 -0.57 -16.91 4.55
C LYS C 349 0.96 -16.83 4.53
N LYS C 350 1.61 -17.66 3.71
CA LYS C 350 3.08 -17.66 3.69
C LYS C 350 3.64 -16.47 2.92
N TYR C 351 2.93 -16.04 1.88
CA TYR C 351 3.31 -14.81 1.19
C TYR C 351 3.36 -13.61 2.14
N LEU C 352 2.30 -13.42 2.93
CA LEU C 352 2.21 -12.29 3.86
C LEU C 352 3.33 -12.31 4.91
N ALA C 353 3.65 -13.50 5.42
CA ALA C 353 4.75 -13.66 6.34
C ALA C 353 6.10 -13.35 5.66
N LYS C 354 6.27 -13.82 4.43
CA LYS C 354 7.52 -13.55 3.74
C LYS C 354 7.71 -12.07 3.37
N LEU C 355 6.66 -11.42 2.89
CA LEU C 355 6.72 -10.00 2.57
C LEU C 355 7.15 -9.19 3.79
N ARG C 356 6.62 -9.56 4.95
CA ARG C 356 6.89 -8.82 6.16
C ARG C 356 8.25 -9.13 6.75
N SER C 357 8.96 -10.10 6.19
CA SER C 357 10.23 -10.46 6.78
C SER C 357 11.44 -10.12 5.90
N ILE C 358 11.23 -9.82 4.61
CA ILE C 358 12.39 -9.61 3.76
C ILE C 358 12.95 -8.19 3.86
N ASN C 359 14.15 -8.02 3.33
CA ASN C 359 14.78 -6.71 3.28
C ASN C 359 14.51 -6.07 1.92
N PRO C 360 13.76 -4.97 1.89
CA PRO C 360 13.45 -4.33 0.61
C PRO C 360 14.74 -3.87 -0.08
N PRO C 361 14.68 -3.57 -1.39
CA PRO C 361 13.49 -3.41 -2.25
C PRO C 361 12.76 -4.72 -2.57
N CYS C 362 11.47 -4.60 -2.80
CA CYS C 362 10.67 -5.72 -3.26
C CYS C 362 9.60 -5.22 -4.23
N VAL C 363 8.95 -6.16 -4.91
CA VAL C 363 7.76 -5.84 -5.69
C VAL C 363 6.60 -6.70 -5.17
N PRO C 364 5.77 -6.13 -4.29
CA PRO C 364 4.61 -6.82 -3.77
C PRO C 364 3.64 -7.27 -4.85
N PHE C 365 2.86 -8.30 -4.53
CA PHE C 365 1.67 -8.63 -5.31
C PHE C 365 0.53 -7.70 -4.87
N PHE C 366 0.04 -6.90 -5.81
CA PHE C 366 -0.94 -5.85 -5.53
C PHE C 366 -2.33 -6.40 -5.26
N GLY C 367 -2.61 -7.60 -5.76
CA GLY C 367 -3.94 -8.17 -5.72
C GLY C 367 -4.58 -8.25 -4.36
N ILE C 368 -3.83 -8.61 -3.33
CA ILE C 368 -4.50 -8.76 -2.03
C ILE C 368 -4.80 -7.39 -1.41
N TYR C 369 -4.02 -6.38 -1.75
CA TYR C 369 -4.31 -5.01 -1.33
C TYR C 369 -5.65 -4.54 -1.90
N LEU C 370 -5.90 -4.85 -3.18
CA LEU C 370 -7.14 -4.44 -3.84
C LEU C 370 -8.34 -5.12 -3.18
N THR C 371 -8.23 -6.42 -2.96
CA THR C 371 -9.28 -7.16 -2.29
C THR C 371 -9.53 -6.62 -0.88
N ASN C 372 -8.48 -6.36 -0.12
CA ASN C 372 -8.67 -5.84 1.23
C ASN C 372 -9.25 -4.44 1.25
N ILE C 373 -8.83 -3.57 0.33
CA ILE C 373 -9.41 -2.23 0.26
C ILE C 373 -10.88 -2.29 -0.13
N LEU C 374 -11.20 -3.06 -1.17
CA LEU C 374 -12.58 -3.23 -1.62
C LEU C 374 -13.46 -3.74 -0.48
N LYS C 375 -13.03 -4.79 0.20
CA LYS C 375 -13.86 -5.37 1.26
C LYS C 375 -14.00 -4.45 2.48
N THR C 376 -12.93 -3.74 2.82
CA THR C 376 -12.97 -2.78 3.93
C THR C 376 -14.04 -1.75 3.63
N GLU C 377 -14.04 -1.27 2.39
CA GLU C 377 -14.95 -0.22 2.01
C GLU C 377 -16.39 -0.71 1.88
N GLU C 378 -16.57 -1.93 1.38
CA GLU C 378 -17.88 -2.52 1.20
C GLU C 378 -18.49 -3.04 2.51
N GLY C 379 -17.65 -3.52 3.42
CA GLY C 379 -18.15 -4.13 4.63
C GLY C 379 -18.28 -3.26 5.86
N ASN C 380 -18.07 -1.95 5.70
CA ASN C 380 -18.16 -1.02 6.81
C ASN C 380 -19.02 0.18 6.44
N PRO C 381 -19.90 0.63 7.36
CA PRO C 381 -20.78 1.74 7.03
C PRO C 381 -20.03 3.08 6.97
N GLU C 382 -20.50 4.00 6.15
CA GLU C 382 -19.93 5.33 6.03
C GLU C 382 -20.11 6.16 7.30
N VAL C 383 -21.26 6.00 7.95
CA VAL C 383 -21.55 6.75 9.14
C VAL C 383 -21.94 5.83 10.29
N LEU C 384 -21.77 6.32 11.50
CA LEU C 384 -22.29 5.67 12.68
C LEU C 384 -23.36 6.59 13.26
N LYS C 385 -24.48 6.00 13.68
CA LYS C 385 -25.58 6.77 14.25
C LYS C 385 -25.49 6.72 15.76
N ARG C 386 -25.44 7.88 16.39
CA ARG C 386 -25.28 7.95 17.84
C ARG C 386 -26.04 9.15 18.42
N HIS C 387 -26.92 8.88 19.38
CA HIS C 387 -27.72 9.90 20.04
C HIS C 387 -28.44 10.81 19.05
N GLY C 388 -28.97 10.24 17.98
CA GLY C 388 -29.67 11.05 16.99
C GLY C 388 -28.77 11.69 15.93
N LYS C 389 -27.46 11.58 16.11
CA LYS C 389 -26.54 12.23 15.18
C LYS C 389 -25.87 11.25 14.21
N GLU C 390 -25.48 11.75 13.04
CA GLU C 390 -24.69 10.94 12.12
C GLU C 390 -23.22 11.32 12.22
N LEU C 391 -22.38 10.37 12.61
CA LEU C 391 -20.97 10.61 12.74
C LEU C 391 -20.22 9.91 11.63
N ILE C 392 -19.21 10.56 11.08
CA ILE C 392 -18.38 9.94 10.08
C ILE C 392 -17.63 8.76 10.69
N ASN C 393 -17.77 7.60 10.06
CA ASN C 393 -17.09 6.41 10.54
C ASN C 393 -15.64 6.47 10.13
N PHE C 394 -14.80 7.04 10.98
CA PHE C 394 -13.41 7.26 10.61
C PHE C 394 -12.52 6.02 10.74
N SER C 395 -12.87 5.08 11.63
CA SER C 395 -12.07 3.85 11.72
C SER C 395 -12.05 3.08 10.38
N LYS C 396 -13.14 3.17 9.61
CA LYS C 396 -13.17 2.60 8.27
C LYS C 396 -12.12 3.24 7.36
N ARG C 397 -12.03 4.56 7.40
CA ARG C 397 -11.03 5.29 6.63
C ARG C 397 -9.60 4.99 7.09
N ARG C 398 -9.40 4.87 8.40
CA ARG C 398 -8.08 4.48 8.91
C ARG C 398 -7.65 3.10 8.39
N LYS C 399 -8.59 2.16 8.32
CA LYS C 399 -8.30 0.83 7.79
C LYS C 399 -7.86 0.89 6.33
N VAL C 400 -8.53 1.70 5.52
CA VAL C 400 -8.13 1.87 4.13
C VAL C 400 -6.75 2.52 4.04
N ALA C 401 -6.51 3.56 4.85
CA ALA C 401 -5.24 4.26 4.87
C ALA C 401 -4.09 3.40 5.39
N GLU C 402 -4.38 2.40 6.21
CA GLU C 402 -3.32 1.49 6.65
C GLU C 402 -2.86 0.67 5.47
N ILE C 403 -3.78 0.32 4.59
CA ILE C 403 -3.41 -0.45 3.40
C ILE C 403 -2.66 0.44 2.40
N THR C 404 -3.15 1.64 2.12
CA THR C 404 -2.43 2.53 1.21
C THR C 404 -1.07 2.89 1.80
N GLY C 405 -0.99 3.02 3.12
CA GLY C 405 0.27 3.31 3.77
C GLY C 405 1.30 2.19 3.59
N GLU C 406 0.86 0.95 3.70
CA GLU C 406 1.75 -0.18 3.49
C GLU C 406 2.23 -0.24 2.04
N ILE C 407 1.30 0.02 1.11
CA ILE C 407 1.63 0.10 -0.30
C ILE C 407 2.75 1.12 -0.51
N GLN C 408 2.54 2.31 0.03
CA GLN C 408 3.52 3.39 -0.14
C GLN C 408 4.86 3.03 0.48
N GLN C 409 4.84 2.34 1.61
CA GLN C 409 6.09 1.98 2.28
C GLN C 409 6.99 1.16 1.36
N TYR C 410 6.42 0.23 0.60
CA TYR C 410 7.22 -0.59 -0.32
C TYR C 410 7.51 0.11 -1.63
N GLN C 411 6.96 1.31 -1.81
CA GLN C 411 7.24 2.04 -3.05
C GLN C 411 8.49 2.93 -2.93
N ASN C 412 9.04 3.04 -1.72
CA ASN C 412 10.17 3.94 -1.51
C ASN C 412 11.53 3.43 -2.00
N GLN C 413 11.79 2.14 -1.84
CA GLN C 413 13.13 1.59 -2.08
C GLN C 413 13.36 1.22 -3.55
N PRO C 414 14.37 1.84 -4.18
CA PRO C 414 14.64 1.52 -5.59
C PRO C 414 15.58 0.34 -5.74
N TYR C 415 15.44 -0.40 -6.84
CA TYR C 415 16.35 -1.50 -7.14
C TYR C 415 17.69 -1.00 -7.65
N CYS C 416 18.77 -1.58 -7.15
CA CYS C 416 20.11 -1.28 -7.67
C CYS C 416 20.40 -2.18 -8.88
N LEU C 417 19.73 -1.90 -9.98
CA LEU C 417 19.91 -2.70 -11.18
C LEU C 417 19.98 -1.78 -12.38
N ARG C 418 20.82 -2.11 -13.35
CA ARG C 418 20.96 -1.28 -14.54
C ARG C 418 19.89 -1.65 -15.57
N VAL C 419 19.24 -0.62 -16.12
CA VAL C 419 18.30 -0.79 -17.21
C VAL C 419 19.02 -1.21 -18.48
N GLU C 420 18.48 -2.18 -19.18
CA GLU C 420 18.92 -2.46 -20.54
C GLU C 420 17.78 -2.07 -21.48
N SER C 421 17.97 -0.96 -22.19
CA SER C 421 16.89 -0.31 -22.93
C SER C 421 16.19 -1.20 -23.94
N ASP C 422 16.97 -2.01 -24.65
CA ASP C 422 16.39 -2.92 -25.63
C ASP C 422 15.58 -4.04 -24.99
N ILE C 423 16.10 -4.66 -23.94
CA ILE C 423 15.38 -5.73 -23.25
C ILE C 423 14.13 -5.16 -22.57
N LYS C 424 14.26 -4.00 -21.95
CA LYS C 424 13.12 -3.28 -21.38
C LYS C 424 12.01 -3.08 -22.41
N ARG C 425 12.38 -2.55 -23.57
CA ARG C 425 11.47 -2.32 -24.68
C ARG C 425 10.82 -3.60 -25.16
N PHE C 426 11.62 -4.65 -25.32
CA PHE C 426 11.11 -5.97 -25.72
C PHE C 426 9.95 -6.41 -24.83
N PHE C 427 10.10 -6.28 -23.52
CA PHE C 427 9.05 -6.71 -22.60
C PHE C 427 7.93 -5.68 -22.46
N GLU C 428 8.22 -4.40 -22.66
CA GLU C 428 7.17 -3.38 -22.67
C GLU C 428 6.21 -3.63 -23.82
N ASN C 429 6.75 -4.12 -24.93
CA ASN C 429 5.96 -4.37 -26.13
C ASN C 429 5.43 -5.79 -26.27
N LEU C 430 5.72 -6.67 -25.31
CA LEU C 430 5.20 -8.04 -25.34
C LEU C 430 3.70 -8.03 -25.55
N ASN C 431 3.24 -8.75 -26.56
CA ASN C 431 1.81 -8.80 -26.83
C ASN C 431 1.38 -10.19 -27.28
N PRO C 432 1.38 -11.16 -26.35
CA PRO C 432 1.07 -12.56 -26.66
C PRO C 432 -0.29 -12.76 -27.32
N MET C 433 -1.27 -11.92 -27.02
CA MET C 433 -2.61 -12.12 -27.59
C MET C 433 -2.75 -11.62 -29.02
N GLY C 434 -1.83 -10.78 -29.47
CA GLY C 434 -1.92 -10.19 -30.79
C GLY C 434 -3.22 -9.40 -30.91
N ASN C 435 -3.93 -9.59 -32.01
CA ASN C 435 -5.21 -8.94 -32.26
C ASN C 435 -6.40 -9.72 -31.74
N SER C 436 -6.15 -10.88 -31.16
CA SER C 436 -7.22 -11.78 -30.73
C SER C 436 -7.81 -11.31 -29.43
N MET C 437 -9.10 -11.57 -29.26
CA MET C 437 -9.78 -11.31 -28.00
C MET C 437 -9.38 -12.37 -26.98
N GLU C 438 -9.51 -12.04 -25.70
CA GLU C 438 -9.09 -12.92 -24.62
C GLU C 438 -9.67 -14.34 -24.69
N LYS C 439 -10.98 -14.47 -24.85
CA LYS C 439 -11.61 -15.78 -24.87
C LYS C 439 -11.05 -16.67 -25.99
N GLU C 440 -10.90 -16.11 -27.19
CA GLU C 440 -10.43 -16.92 -28.31
C GLU C 440 -8.94 -17.25 -28.15
N PHE C 441 -8.16 -16.34 -27.56
CA PHE C 441 -6.75 -16.62 -27.36
C PHE C 441 -6.59 -17.72 -26.31
N THR C 442 -7.38 -17.59 -25.25
CA THR C 442 -7.42 -18.52 -24.15
C THR C 442 -7.91 -19.92 -24.59
N ASP C 443 -8.88 -19.95 -25.52
CA ASP C 443 -9.35 -21.24 -26.03
C ASP C 443 -8.28 -21.84 -26.89
N TYR C 444 -7.57 -20.99 -27.62
CA TYR C 444 -6.45 -21.43 -28.42
C TYR C 444 -5.36 -22.09 -27.56
N LEU C 445 -5.00 -21.47 -26.44
CA LEU C 445 -3.95 -22.03 -25.58
C LEU C 445 -4.34 -23.41 -25.07
N PHE C 446 -5.60 -23.55 -24.69
CA PHE C 446 -6.04 -24.83 -24.18
C PHE C 446 -6.10 -25.89 -25.27
N ASN C 447 -6.52 -25.51 -26.47
CA ASN C 447 -6.54 -26.46 -27.58
C ASN C 447 -5.13 -26.90 -27.94
N LYS C 448 -4.17 -25.97 -27.89
CA LYS C 448 -2.77 -26.31 -28.11
C LYS C 448 -2.32 -27.32 -27.07
N SER C 449 -2.73 -27.10 -25.83
CA SER C 449 -2.39 -28.03 -24.75
C SER C 449 -2.93 -29.43 -25.04
N LEU C 450 -4.20 -29.50 -25.46
CA LEU C 450 -4.81 -30.79 -25.81
C LEU C 450 -4.07 -31.47 -26.96
N GLU C 451 -3.61 -30.67 -27.91
CA GLU C 451 -2.87 -31.17 -29.06
C GLU C 451 -1.55 -31.82 -28.67
N ILE C 452 -0.76 -31.12 -27.83
CA ILE C 452 0.58 -31.57 -27.54
C ILE C 452 0.63 -32.68 -26.48
N GLU C 453 -0.37 -32.70 -25.61
CA GLU C 453 -0.53 -33.80 -24.65
C GLU C 453 -2.00 -34.15 -24.51
N PRO C 454 -2.50 -35.02 -25.40
CA PRO C 454 -3.92 -35.37 -25.44
C PRO C 454 -4.38 -36.01 -24.15
N ARG C 455 -5.68 -35.96 -23.88
CA ARG C 455 -6.23 -36.64 -22.71
C ARG C 455 -6.04 -38.15 -22.79
N ASN C 456 -5.89 -38.79 -21.62
CA ASN C 456 -5.99 -40.23 -21.55
C ASN C 456 -7.35 -40.65 -22.10
N PRO C 457 -7.41 -41.78 -22.82
CA PRO C 457 -6.30 -42.71 -23.02
C PRO C 457 -5.55 -42.50 -24.34
N LYS C 458 -5.70 -41.34 -24.97
CA LYS C 458 -4.96 -41.06 -26.19
C LYS C 458 -3.47 -41.10 -25.90
N PRO C 459 -2.71 -41.83 -26.74
CA PRO C 459 -1.27 -41.91 -26.58
C PRO C 459 -0.59 -40.61 -26.98
N LEU C 460 0.60 -40.39 -26.47
CA LEU C 460 1.33 -39.17 -26.71
C LEU C 460 1.98 -39.15 -28.09
N PRO C 461 1.60 -38.17 -28.93
CA PRO C 461 2.22 -37.95 -30.23
C PRO C 461 3.64 -37.42 -30.11
N ARG C 462 4.38 -37.43 -31.21
CA ARG C 462 5.66 -36.75 -31.29
C ARG C 462 5.53 -35.56 -32.24
N PHE C 463 6.46 -34.62 -32.02
CA PHE C 463 6.45 -33.36 -32.73
C PHE C 463 7.87 -32.96 -33.08
N PRO C 464 8.05 -32.28 -34.22
CA PRO C 464 9.39 -31.86 -34.61
C PRO C 464 9.88 -30.67 -33.77
N LYS C 465 11.20 -30.52 -33.69
CA LYS C 465 11.78 -29.43 -32.91
C LYS C 465 11.61 -28.12 -33.66
N LYS C 466 11.70 -27.00 -32.94
CA LYS C 466 11.54 -25.71 -33.58
C LYS C 466 12.71 -24.76 -33.30
N TYR C 467 13.52 -25.09 -32.30
CA TYR C 467 14.60 -24.18 -31.94
C TYR C 467 15.91 -24.66 -32.54
N SER C 468 16.59 -23.77 -33.24
CA SER C 468 17.82 -24.13 -33.95
C SER C 468 19.07 -23.82 -33.14
N TYR C 469 18.90 -23.11 -32.04
CA TYR C 469 20.00 -22.76 -31.16
C TYR C 469 20.03 -23.71 -29.96
N PRO C 470 21.11 -23.71 -29.16
CA PRO C 470 21.15 -24.65 -28.03
C PRO C 470 20.12 -24.37 -26.94
N LEU C 471 19.58 -25.43 -26.35
CA LEU C 471 18.57 -25.33 -25.30
C LEU C 471 19.17 -25.24 -23.90
N LYS C 472 20.47 -25.51 -23.78
CA LYS C 472 21.08 -25.56 -22.46
C LYS C 472 21.10 -24.18 -21.82
N SER C 473 20.53 -24.08 -20.63
CA SER C 473 20.52 -22.83 -19.90
C SER C 473 21.92 -22.43 -19.41
N PRO C 474 22.21 -21.13 -19.45
CA PRO C 474 23.46 -20.67 -18.81
C PRO C 474 23.36 -20.64 -17.27
N GLY C 475 22.19 -20.97 -16.73
CA GLY C 475 21.99 -21.00 -15.29
C GLY C 475 21.66 -19.65 -14.69
N VAL C 476 21.41 -19.61 -13.39
CA VAL C 476 21.00 -18.36 -12.78
C VAL C 476 21.93 -17.83 -11.68
N ARG C 477 23.17 -18.31 -11.67
CA ARG C 477 24.22 -17.70 -10.86
C ARG C 477 24.95 -16.63 -11.69
N PRO C 478 25.01 -15.40 -11.17
CA PRO C 478 25.63 -14.26 -11.85
C PRO C 478 27.15 -14.41 -12.02
N SER C 479 27.66 -13.89 -13.14
CA SER C 479 29.07 -13.93 -13.44
C SER C 479 29.69 -12.56 -13.17
N ASN C 480 31.02 -12.50 -13.11
CA ASN C 480 31.65 -11.25 -12.79
C ASN C 480 33.10 -11.16 -13.23
N PRO C 481 33.33 -10.56 -14.41
CA PRO C 481 34.68 -10.25 -14.90
C PRO C 481 35.29 -9.09 -14.11
N ARG C 482 36.60 -8.88 -14.23
CA ARG C 482 37.21 -7.74 -13.56
C ARG C 482 36.65 -6.45 -14.17
#